data_1QW4
#
_entry.id   1QW4
#
_cell.length_a   214.603
_cell.length_b   214.603
_cell.length_c   117.464
_cell.angle_alpha   90.00
_cell.angle_beta   90.00
_cell.angle_gamma   120.00
#
_symmetry.space_group_name_H-M   'P 61 2 2'
#
loop_
_entity.id
_entity.type
_entity.pdbx_description
1 polymer 'Nitric oxide synthase, inducible'
2 non-polymer 'ZINC ION'
3 non-polymer 'PROTOPORPHYRIN IX CONTAINING FE'
4 non-polymer 5,6,7,8-TETRAHYDROBIOPTERIN
5 non-polymer N-OMEGA-PROPYL-L-ARGININE
6 water water
#
_entity_poly.entity_id   1
_entity_poly.type   'polypeptide(L)'
_entity_poly.pdbx_seq_one_letter_code
;QYVRIKNWGSGEILHDTLHHKATSDFTCKSKSCLGSIMNPKSLTRGPRDKPTPLEELLPHAIEFINQYYGSFKEAKIEEH
LARLEAVTKEIETTGTYQLTLDELIFATKMAWRNAPRCIGRIQWSNLQVFDARNCSTAQEMFQHICRHILYATNNGNIRS
AITVFPQRSDGKHDFRLWNSQLIRYAGYQMPDGTIRGDAATLEFTQLCIDLGWKPRYGRFDVLPLVLQADGQDPEVFEIP
PDLVLEVTMEHPKYEWFQELGLKWYALPAVANMLLEVGGLEFPACPFNGWYMGTEIGVRDFCDTQRYNILEEVGRRMGLE
THTLASLWKDRAVTEINVAVLHSFQKQNVTIMDHHTASESFMKHMQNEYRARGGCPADWIWLVPPVSGSITPVFHQEMLN
YVLSPFYYYQIEPWKTHIW
;
_entity_poly.pdbx_strand_id   A,B
#
loop_
_chem_comp.id
_chem_comp.type
_chem_comp.name
_chem_comp.formula
H4B non-polymer 5,6,7,8-TETRAHYDROBIOPTERIN 'C9 H15 N5 O3'
HEM non-polymer 'PROTOPORPHYRIN IX CONTAINING FE' 'C34 H32 Fe N4 O4'
ZN non-polymer 'ZINC ION' 'Zn 2'
#
# COMPACT_ATOMS: atom_id res chain seq x y z
N GLN A 1 34.55 -42.92 -10.73
CA GLN A 1 33.67 -44.10 -10.89
C GLN A 1 32.28 -43.91 -10.30
N TYR A 2 31.55 -45.01 -10.21
CA TYR A 2 30.19 -45.01 -9.70
C TYR A 2 30.04 -45.03 -8.18
N VAL A 3 28.95 -44.44 -7.69
CA VAL A 3 28.62 -44.42 -6.28
C VAL A 3 27.61 -45.55 -6.15
N ARG A 4 27.89 -46.53 -5.30
CA ARG A 4 26.99 -47.65 -5.12
C ARG A 4 25.74 -47.21 -4.35
N ILE A 5 24.57 -47.49 -4.91
CA ILE A 5 23.30 -47.09 -4.31
C ILE A 5 22.35 -48.29 -4.12
N LYS A 6 21.76 -48.37 -2.92
CA LYS A 6 20.90 -49.52 -2.60
C LYS A 6 19.45 -49.23 -2.22
N ASN A 7 18.61 -50.20 -2.55
CA ASN A 7 17.19 -50.14 -2.23
C ASN A 7 16.99 -51.21 -1.14
N TRP A 8 16.70 -50.77 0.08
CA TRP A 8 16.55 -51.69 1.19
C TRP A 8 15.28 -52.52 1.19
N GLY A 9 14.33 -52.18 0.31
CA GLY A 9 13.11 -52.94 0.26
C GLY A 9 13.26 -54.18 -0.60
N SER A 10 14.11 -54.08 -1.62
CA SER A 10 14.35 -55.18 -2.55
C SER A 10 15.77 -55.72 -2.47
N GLY A 11 16.64 -54.95 -1.84
CA GLY A 11 18.03 -55.35 -1.72
C GLY A 11 18.79 -55.09 -3.00
N GLU A 12 18.07 -54.52 -3.98
CA GLU A 12 18.63 -54.21 -5.29
C GLU A 12 19.70 -53.09 -5.22
N ILE A 13 20.80 -53.28 -5.96
CA ILE A 13 21.90 -52.31 -6.00
C ILE A 13 22.05 -51.63 -7.36
N LEU A 14 22.32 -50.32 -7.33
CA LEU A 14 22.50 -49.53 -8.55
C LEU A 14 23.84 -48.78 -8.53
N HIS A 15 24.33 -48.43 -9.72
CA HIS A 15 25.58 -47.72 -9.86
C HIS A 15 25.37 -46.40 -10.56
N ASP A 16 25.56 -45.31 -9.83
CA ASP A 16 25.38 -43.99 -10.37
C ASP A 16 26.66 -43.39 -10.90
N THR A 17 26.72 -43.19 -12.20
CA THR A 17 27.87 -42.60 -12.86
C THR A 17 27.49 -41.21 -13.36
N LEU A 18 26.20 -41.02 -13.59
CA LEU A 18 25.70 -39.75 -14.09
C LEU A 18 26.06 -38.55 -13.21
N HIS A 19 26.26 -38.77 -11.92
CA HIS A 19 26.58 -37.65 -11.03
C HIS A 19 27.88 -36.96 -11.44
N HIS A 20 28.65 -37.63 -12.30
CA HIS A 20 29.91 -37.08 -12.76
C HIS A 20 29.68 -35.80 -13.56
N LYS A 21 28.62 -35.78 -14.36
CA LYS A 21 28.30 -34.62 -15.19
C LYS A 21 27.77 -33.40 -14.44
N ALA A 22 27.80 -33.44 -13.11
CA ALA A 22 27.31 -32.32 -12.33
C ALA A 22 28.18 -31.08 -12.53
N THR A 23 27.55 -29.91 -12.46
CA THR A 23 28.23 -28.63 -12.64
C THR A 23 28.88 -28.15 -11.36
N SER A 24 28.50 -26.94 -10.93
CA SER A 24 29.03 -26.31 -9.73
C SER A 24 28.85 -27.11 -8.45
N ASP A 25 29.14 -26.46 -7.32
CA ASP A 25 29.00 -27.09 -6.02
C ASP A 25 27.54 -27.10 -5.60
N PHE A 26 27.16 -28.13 -4.87
CA PHE A 26 25.78 -28.26 -4.41
C PHE A 26 25.61 -27.54 -3.06
N THR A 27 24.58 -27.95 -2.31
CA THR A 27 24.26 -27.35 -1.02
C THR A 27 25.19 -27.77 0.14
N CYS A 28 25.44 -29.06 0.23
CA CYS A 28 26.26 -29.60 1.30
C CYS A 28 27.75 -29.28 1.26
N LYS A 29 28.32 -29.09 2.44
CA LYS A 29 29.74 -28.78 2.62
C LYS A 29 30.57 -30.05 2.62
N SER A 30 31.82 -29.92 3.05
CA SER A 30 32.74 -31.05 3.09
C SER A 30 32.55 -31.82 4.39
N LYS A 31 32.16 -31.10 5.44
CA LYS A 31 31.97 -31.71 6.76
C LYS A 31 30.56 -31.53 7.33
N SER A 32 29.64 -31.01 6.52
CA SER A 32 28.27 -30.77 6.96
C SER A 32 27.28 -31.18 5.85
N CYS A 33 25.99 -31.25 6.20
CA CYS A 33 24.93 -31.61 5.25
C CYS A 33 23.71 -30.69 5.42
N LEU A 34 23.40 -29.96 4.35
CA LEU A 34 22.27 -29.02 4.33
C LEU A 34 21.17 -29.50 3.37
N GLY A 35 21.00 -30.81 3.27
CA GLY A 35 20.01 -31.39 2.38
C GLY A 35 18.56 -31.04 2.67
N SER A 36 18.25 -30.66 3.91
CA SER A 36 16.89 -30.32 4.29
C SER A 36 16.59 -28.83 4.15
N ILE A 37 17.46 -28.10 3.45
CA ILE A 37 17.23 -26.68 3.22
C ILE A 37 16.33 -26.57 1.99
N MET A 38 15.22 -25.85 2.13
CA MET A 38 14.31 -25.69 1.01
C MET A 38 14.89 -24.87 -0.12
N ASN A 39 15.34 -23.66 0.19
CA ASN A 39 15.90 -22.77 -0.84
C ASN A 39 17.39 -22.51 -0.77
N PRO A 40 18.23 -23.50 -1.10
CA PRO A 40 19.67 -23.27 -1.06
C PRO A 40 20.12 -22.47 -2.29
N LYS A 41 21.17 -21.66 -2.15
CA LYS A 41 21.69 -20.87 -3.26
C LYS A 41 22.12 -21.76 -4.43
N SER A 42 22.39 -23.02 -4.12
CA SER A 42 22.81 -23.97 -5.14
C SER A 42 21.65 -24.32 -6.07
N LEU A 43 20.43 -24.02 -5.63
CA LEU A 43 19.26 -24.33 -6.44
C LEU A 43 18.63 -23.05 -7.01
N THR A 44 19.25 -21.91 -6.69
CA THR A 44 18.79 -20.60 -7.14
C THR A 44 19.68 -19.97 -8.22
N ARG A 45 19.06 -19.26 -9.15
CA ARG A 45 19.79 -18.56 -10.22
C ARG A 45 19.22 -17.13 -10.29
N GLY A 46 19.87 -16.22 -9.56
CA GLY A 46 19.45 -14.83 -9.46
C GLY A 46 19.62 -13.87 -10.64
N PRO A 47 19.44 -12.55 -10.40
CA PRO A 47 19.54 -11.45 -11.36
C PRO A 47 20.83 -11.31 -12.15
N ARG A 48 20.75 -10.48 -13.18
CA ARG A 48 21.86 -10.19 -14.07
C ARG A 48 21.88 -8.67 -14.25
N ASP A 49 23.05 -8.13 -14.59
CA ASP A 49 23.23 -6.68 -14.76
C ASP A 49 23.78 -6.40 -16.17
N LYS A 50 24.62 -7.31 -16.63
CA LYS A 50 25.25 -7.23 -17.94
C LYS A 50 25.07 -8.57 -18.62
N PRO A 51 25.34 -8.64 -19.93
CA PRO A 51 25.18 -9.92 -20.63
C PRO A 51 26.11 -10.97 -20.00
N THR A 52 25.96 -12.22 -20.40
CA THR A 52 26.82 -13.25 -19.85
C THR A 52 28.09 -13.35 -20.71
N PRO A 53 29.27 -13.29 -20.08
CA PRO A 53 30.58 -13.37 -20.74
C PRO A 53 30.67 -14.42 -21.83
N LEU A 54 31.19 -14.02 -22.99
CA LEU A 54 31.33 -14.92 -24.12
C LEU A 54 32.17 -16.14 -23.77
N GLU A 55 33.20 -15.94 -22.94
CA GLU A 55 34.08 -17.04 -22.55
C GLU A 55 33.29 -18.13 -21.85
N GLU A 56 32.28 -17.73 -21.07
CA GLU A 56 31.44 -18.68 -20.34
C GLU A 56 30.36 -19.26 -21.23
N LEU A 57 29.63 -18.37 -21.91
CA LEU A 57 28.54 -18.75 -22.80
C LEU A 57 28.89 -19.81 -23.85
N LEU A 58 29.91 -19.53 -24.65
CA LEU A 58 30.32 -20.43 -25.71
C LEU A 58 30.54 -21.88 -25.28
N PRO A 59 31.31 -22.10 -24.20
CA PRO A 59 31.56 -23.46 -23.71
C PRO A 59 30.27 -24.21 -23.40
N HIS A 60 29.36 -23.54 -22.70
CA HIS A 60 28.08 -24.15 -22.36
C HIS A 60 27.24 -24.43 -23.60
N ALA A 61 27.21 -23.46 -24.52
CA ALA A 61 26.45 -23.61 -25.74
C ALA A 61 26.94 -24.84 -26.52
N ILE A 62 28.25 -24.99 -26.65
CA ILE A 62 28.83 -26.12 -27.38
C ILE A 62 28.38 -27.41 -26.71
N GLU A 63 28.50 -27.44 -25.39
CA GLU A 63 28.13 -28.63 -24.62
C GLU A 63 26.69 -29.04 -24.84
N PHE A 64 25.77 -28.07 -24.76
CA PHE A 64 24.35 -28.35 -24.97
C PHE A 64 24.08 -28.87 -26.39
N ILE A 65 24.65 -28.21 -27.39
CA ILE A 65 24.49 -28.63 -28.79
C ILE A 65 25.00 -30.06 -28.94
N ASN A 66 26.07 -30.37 -28.22
CA ASN A 66 26.65 -31.69 -28.24
C ASN A 66 25.70 -32.66 -27.55
N GLN A 67 25.11 -32.20 -26.45
CA GLN A 67 24.15 -33.05 -25.74
C GLN A 67 22.96 -33.30 -26.65
N TYR A 68 22.42 -32.24 -27.22
CA TYR A 68 21.27 -32.36 -28.13
C TYR A 68 21.47 -33.40 -29.22
N TYR A 69 22.40 -33.14 -30.12
CA TYR A 69 22.69 -34.05 -31.24
C TYR A 69 23.12 -35.42 -30.74
N GLY A 70 23.60 -35.46 -29.51
CA GLY A 70 24.01 -36.74 -28.93
C GLY A 70 22.81 -37.61 -28.55
N SER A 71 21.68 -36.98 -28.25
CA SER A 71 20.48 -37.70 -27.84
C SER A 71 19.79 -38.41 -29.00
N PHE A 72 20.40 -38.36 -30.18
CA PHE A 72 19.81 -38.97 -31.36
C PHE A 72 20.18 -40.41 -31.60
N LYS A 73 19.20 -41.20 -32.03
CA LYS A 73 19.44 -42.58 -32.40
C LYS A 73 19.74 -42.29 -33.86
N GLU A 74 20.80 -42.88 -34.42
CA GLU A 74 21.20 -42.59 -35.80
C GLU A 74 21.70 -41.13 -35.76
N ALA A 75 23.01 -40.98 -35.70
CA ALA A 75 23.63 -39.66 -35.62
C ALA A 75 23.50 -38.82 -36.89
N LYS A 76 23.85 -37.55 -36.76
CA LYS A 76 23.82 -36.58 -37.87
C LYS A 76 25.01 -35.64 -37.70
N ILE A 77 26.22 -36.20 -37.82
CA ILE A 77 27.44 -35.43 -37.65
C ILE A 77 27.38 -34.14 -38.46
N GLU A 78 27.09 -34.28 -39.74
CA GLU A 78 26.99 -33.15 -40.65
C GLU A 78 26.21 -32.02 -40.01
N GLU A 79 24.92 -32.26 -39.78
CA GLU A 79 24.07 -31.25 -39.16
C GLU A 79 24.66 -30.79 -37.85
N HIS A 80 25.17 -31.76 -37.09
CA HIS A 80 25.76 -31.48 -35.80
C HIS A 80 26.86 -30.42 -35.92
N LEU A 81 27.88 -30.72 -36.71
CA LEU A 81 29.01 -29.82 -36.93
C LEU A 81 28.51 -28.48 -37.48
N ALA A 82 27.56 -28.55 -38.41
CA ALA A 82 27.00 -27.35 -39.01
C ALA A 82 26.38 -26.46 -37.94
N ARG A 83 25.66 -27.09 -37.01
CA ARG A 83 25.00 -26.37 -35.92
C ARG A 83 26.04 -25.75 -34.96
N LEU A 84 27.11 -26.49 -34.68
CA LEU A 84 28.16 -25.98 -33.81
C LEU A 84 28.74 -24.70 -34.39
N GLU A 85 29.03 -24.75 -35.70
CA GLU A 85 29.59 -23.59 -36.41
C GLU A 85 28.65 -22.39 -36.41
N ALA A 86 27.37 -22.67 -36.69
CA ALA A 86 26.32 -21.64 -36.75
C ALA A 86 26.09 -20.90 -35.43
N VAL A 87 26.10 -21.66 -34.33
CA VAL A 87 25.91 -21.10 -33.00
C VAL A 87 27.09 -20.20 -32.64
N THR A 88 28.30 -20.67 -32.96
CA THR A 88 29.53 -19.91 -32.68
C THR A 88 29.47 -18.56 -33.39
N LYS A 89 29.22 -18.60 -34.69
CA LYS A 89 29.12 -17.40 -35.51
C LYS A 89 28.13 -16.45 -34.86
N GLU A 90 26.97 -17.01 -34.47
CA GLU A 90 25.91 -16.21 -33.85
C GLU A 90 26.37 -15.54 -32.56
N ILE A 91 27.09 -16.27 -31.71
CA ILE A 91 27.57 -15.70 -30.45
C ILE A 91 28.57 -14.59 -30.79
N GLU A 92 29.47 -14.88 -31.72
CA GLU A 92 30.47 -13.90 -32.17
C GLU A 92 29.80 -12.62 -32.69
N THR A 93 28.80 -12.79 -33.55
CA THR A 93 28.10 -11.68 -34.18
C THR A 93 27.01 -11.00 -33.36
N THR A 94 26.29 -11.76 -32.54
CA THR A 94 25.21 -11.18 -31.75
C THR A 94 25.51 -11.02 -30.28
N GLY A 95 26.26 -11.95 -29.72
CA GLY A 95 26.60 -11.88 -28.31
C GLY A 95 25.74 -12.84 -27.51
N THR A 96 25.14 -13.80 -28.23
CA THR A 96 24.28 -14.81 -27.65
C THR A 96 23.79 -15.67 -28.81
N TYR A 97 22.78 -16.49 -28.60
CA TYR A 97 22.28 -17.28 -29.70
C TYR A 97 20.85 -17.74 -29.44
N GLN A 98 20.21 -18.24 -30.49
CA GLN A 98 18.84 -18.70 -30.40
C GLN A 98 18.75 -20.20 -30.62
N LEU A 99 17.93 -20.86 -29.81
CA LEU A 99 17.75 -22.30 -29.92
C LEU A 99 16.72 -22.58 -30.99
N THR A 100 16.87 -23.71 -31.69
CA THR A 100 15.88 -24.08 -32.68
C THR A 100 14.69 -24.54 -31.82
N LEU A 101 13.51 -24.64 -32.41
CA LEU A 101 12.36 -25.07 -31.62
C LEU A 101 12.60 -26.43 -30.99
N ASP A 102 13.09 -27.37 -31.80
CA ASP A 102 13.36 -28.73 -31.36
C ASP A 102 14.35 -28.82 -30.21
N GLU A 103 15.30 -27.89 -30.18
CA GLU A 103 16.26 -27.88 -29.10
C GLU A 103 15.58 -27.35 -27.84
N LEU A 104 14.66 -26.40 -28.01
CA LEU A 104 13.95 -25.85 -26.87
C LEU A 104 13.10 -26.95 -26.27
N ILE A 105 12.38 -27.65 -27.13
CA ILE A 105 11.55 -28.76 -26.71
C ILE A 105 12.41 -29.74 -25.93
N PHE A 106 13.49 -30.19 -26.55
CA PHE A 106 14.44 -31.13 -25.94
C PHE A 106 14.93 -30.62 -24.61
N ALA A 107 15.27 -29.32 -24.56
CA ALA A 107 15.77 -28.70 -23.35
C ALA A 107 14.75 -28.64 -22.23
N THR A 108 13.49 -28.37 -22.57
CA THR A 108 12.46 -28.30 -21.53
C THR A 108 12.19 -29.65 -20.92
N LYS A 109 12.24 -30.71 -21.73
CA LYS A 109 12.04 -32.07 -21.24
C LYS A 109 13.21 -32.60 -20.43
N MET A 110 14.42 -32.19 -20.81
CA MET A 110 15.61 -32.63 -20.09
C MET A 110 15.67 -31.94 -18.74
N ALA A 111 15.35 -30.65 -18.71
CA ALA A 111 15.35 -29.89 -17.46
C ALA A 111 14.33 -30.48 -16.49
N TRP A 112 13.26 -31.05 -17.03
CA TRP A 112 12.21 -31.68 -16.23
C TRP A 112 12.81 -33.00 -15.76
N ARG A 113 13.33 -33.76 -16.73
CA ARG A 113 13.97 -35.02 -16.47
C ARG A 113 15.06 -34.90 -15.40
N ASN A 114 15.67 -33.71 -15.32
CA ASN A 114 16.74 -33.40 -14.37
C ASN A 114 16.27 -32.67 -13.11
N ALA A 115 14.97 -32.68 -12.85
CA ALA A 115 14.43 -32.02 -11.66
C ALA A 115 14.42 -33.07 -10.56
N PRO A 116 15.35 -32.98 -9.61
CA PRO A 116 15.42 -33.96 -8.53
C PRO A 116 14.23 -34.02 -7.57
N ARG A 117 13.53 -32.90 -7.39
CA ARG A 117 12.37 -32.83 -6.50
C ARG A 117 11.02 -33.23 -7.15
N CYS A 118 11.06 -33.69 -8.40
CA CYS A 118 9.84 -34.08 -9.10
C CYS A 118 9.61 -35.58 -9.12
N ILE A 119 8.44 -36.01 -8.66
CA ILE A 119 8.09 -37.44 -8.62
C ILE A 119 7.33 -37.92 -9.88
N GLY A 120 6.88 -36.97 -10.69
CA GLY A 120 6.15 -37.32 -11.89
C GLY A 120 7.01 -37.45 -13.13
N ARG A 121 8.33 -37.42 -12.95
CA ARG A 121 9.25 -37.49 -14.09
C ARG A 121 9.15 -38.67 -15.04
N ILE A 122 8.27 -39.64 -14.79
CA ILE A 122 8.19 -40.74 -15.73
C ILE A 122 7.47 -40.24 -16.98
N GLN A 123 6.84 -39.07 -16.83
CA GLN A 123 6.09 -38.38 -17.90
C GLN A 123 6.95 -37.38 -18.68
N TRP A 124 8.20 -37.22 -18.29
CA TRP A 124 9.10 -36.24 -18.90
C TRP A 124 9.09 -36.09 -20.42
N SER A 125 8.74 -37.13 -21.17
CA SER A 125 8.75 -36.99 -22.61
C SER A 125 7.43 -36.44 -23.17
N ASN A 126 6.35 -36.55 -22.39
CA ASN A 126 5.06 -36.04 -22.80
C ASN A 126 4.88 -34.62 -22.30
N LEU A 127 5.34 -33.67 -23.12
CA LEU A 127 5.25 -32.26 -22.75
C LEU A 127 4.97 -31.34 -23.94
N GLN A 128 3.94 -30.51 -23.80
CA GLN A 128 3.54 -29.55 -24.82
C GLN A 128 4.33 -28.27 -24.61
N VAL A 129 5.00 -27.82 -25.66
CA VAL A 129 5.80 -26.62 -25.58
C VAL A 129 5.20 -25.48 -26.40
N PHE A 130 4.86 -24.39 -25.73
CA PHE A 130 4.32 -23.22 -26.39
C PHE A 130 5.43 -22.17 -26.49
N ASP A 131 5.88 -21.93 -27.71
CA ASP A 131 6.96 -20.99 -27.96
C ASP A 131 6.51 -19.52 -28.01
N ALA A 132 6.76 -18.80 -26.92
CA ALA A 132 6.39 -17.39 -26.84
C ALA A 132 7.64 -16.51 -26.73
N ARG A 133 8.73 -16.98 -27.31
CA ARG A 133 10.01 -16.26 -27.27
C ARG A 133 9.96 -14.94 -28.02
N ASN A 134 8.87 -14.75 -28.76
CA ASN A 134 8.61 -13.58 -29.58
C ASN A 134 7.81 -12.52 -28.81
N CYS A 135 7.22 -12.92 -27.69
CA CYS A 135 6.42 -12.02 -26.87
C CYS A 135 7.16 -10.68 -26.62
N SER A 136 6.40 -9.59 -26.55
CA SER A 136 6.98 -8.25 -26.37
C SER A 136 6.32 -7.44 -25.26
N THR A 137 5.04 -7.69 -25.02
CA THR A 137 4.29 -6.95 -24.02
C THR A 137 3.65 -7.84 -22.95
N ALA A 138 3.19 -7.21 -21.87
CA ALA A 138 2.54 -7.95 -20.78
C ALA A 138 1.22 -8.51 -21.29
N GLN A 139 0.48 -7.68 -22.03
CA GLN A 139 -0.80 -8.09 -22.59
C GLN A 139 -0.63 -9.36 -23.40
N GLU A 140 0.49 -9.44 -24.11
CA GLU A 140 0.81 -10.60 -24.92
C GLU A 140 1.16 -11.79 -24.02
N MET A 141 1.81 -11.49 -22.90
CA MET A 141 2.17 -12.51 -21.92
C MET A 141 0.87 -13.10 -21.43
N PHE A 142 -0.02 -12.21 -20.97
CA PHE A 142 -1.35 -12.56 -20.45
C PHE A 142 -2.16 -13.42 -21.40
N GLN A 143 -1.98 -13.17 -22.69
CA GLN A 143 -2.69 -13.94 -23.69
C GLN A 143 -2.08 -15.32 -23.80
N HIS A 144 -0.75 -15.37 -23.76
CA HIS A 144 -0.06 -16.66 -23.83
C HIS A 144 -0.40 -17.57 -22.65
N ILE A 145 -0.50 -16.98 -21.47
CA ILE A 145 -0.82 -17.73 -20.26
C ILE A 145 -2.25 -18.26 -20.34
N CYS A 146 -3.18 -17.41 -20.72
CA CYS A 146 -4.57 -17.86 -20.83
C CYS A 146 -4.67 -19.06 -21.75
N ARG A 147 -3.90 -19.02 -22.85
CA ARG A 147 -3.89 -20.12 -23.82
C ARG A 147 -3.29 -21.37 -23.19
N HIS A 148 -2.35 -21.14 -22.29
CA HIS A 148 -1.68 -22.22 -21.59
C HIS A 148 -2.66 -22.87 -20.60
N ILE A 149 -3.28 -22.04 -19.76
CA ILE A 149 -4.23 -22.53 -18.78
C ILE A 149 -5.35 -23.32 -19.46
N LEU A 150 -5.83 -22.81 -20.58
CA LEU A 150 -6.91 -23.45 -21.32
C LEU A 150 -6.49 -24.81 -21.90
N TYR A 151 -5.30 -24.85 -22.48
CA TYR A 151 -4.79 -26.09 -23.05
C TYR A 151 -4.50 -27.11 -21.99
N ALA A 152 -3.84 -26.68 -20.92
CA ALA A 152 -3.47 -27.56 -19.83
C ALA A 152 -4.68 -28.16 -19.11
N THR A 153 -5.64 -27.30 -18.73
CA THR A 153 -6.86 -27.76 -18.03
C THR A 153 -7.61 -28.78 -18.84
N ASN A 154 -7.84 -28.48 -20.11
CA ASN A 154 -8.51 -29.42 -21.02
C ASN A 154 -9.80 -30.01 -20.44
N ASN A 155 -10.60 -29.15 -19.79
CA ASN A 155 -11.85 -29.56 -19.18
C ASN A 155 -11.69 -30.64 -18.11
N GLY A 156 -10.57 -30.62 -17.40
CA GLY A 156 -10.36 -31.63 -16.37
C GLY A 156 -9.37 -32.73 -16.76
N ASN A 157 -9.24 -33.01 -18.06
CA ASN A 157 -8.30 -34.02 -18.52
C ASN A 157 -6.95 -33.32 -18.69
N ILE A 158 -6.33 -32.97 -17.56
CA ILE A 158 -5.06 -32.25 -17.52
C ILE A 158 -3.94 -32.75 -18.44
N ARG A 159 -3.29 -31.80 -19.10
CA ARG A 159 -2.17 -32.08 -19.99
C ARG A 159 -0.95 -31.29 -19.52
N SER A 160 0.23 -31.88 -19.59
CA SER A 160 1.44 -31.19 -19.16
C SER A 160 1.88 -30.21 -20.24
N ALA A 161 2.22 -28.99 -19.85
CA ALA A 161 2.66 -28.00 -20.83
C ALA A 161 3.54 -26.92 -20.22
N ILE A 162 4.32 -26.26 -21.07
CA ILE A 162 5.19 -25.17 -20.64
C ILE A 162 5.17 -24.10 -21.73
N THR A 163 5.22 -22.84 -21.29
CA THR A 163 5.21 -21.69 -22.19
C THR A 163 6.55 -20.99 -21.98
N VAL A 164 7.34 -20.90 -23.04
CA VAL A 164 8.65 -20.28 -22.97
C VAL A 164 8.69 -18.87 -23.53
N PHE A 165 8.87 -17.90 -22.63
CA PHE A 165 8.96 -16.50 -23.02
C PHE A 165 10.40 -16.14 -23.40
N PRO A 166 10.66 -14.88 -23.79
CA PRO A 166 12.02 -14.49 -24.19
C PRO A 166 13.15 -14.73 -23.17
N GLN A 167 14.28 -15.23 -23.67
CA GLN A 167 15.44 -15.48 -22.82
C GLN A 167 16.00 -14.18 -22.26
N ARG A 168 16.81 -14.29 -21.23
CA ARG A 168 17.42 -13.12 -20.63
C ARG A 168 18.57 -12.65 -21.52
N SER A 169 18.76 -11.33 -21.62
CA SER A 169 19.83 -10.78 -22.44
C SER A 169 20.89 -10.13 -21.56
N ASP A 170 20.63 -8.90 -21.17
CA ASP A 170 21.54 -8.15 -20.31
C ASP A 170 21.02 -8.25 -18.88
N GLY A 171 19.87 -8.91 -18.74
CA GLY A 171 19.27 -9.06 -17.43
C GLY A 171 18.63 -7.78 -16.92
N LYS A 172 18.52 -6.80 -17.81
CA LYS A 172 17.92 -5.51 -17.45
C LYS A 172 16.55 -5.38 -18.11
N HIS A 173 16.17 -6.40 -18.89
CA HIS A 173 14.88 -6.45 -19.61
C HIS A 173 14.24 -7.83 -19.40
N ASP A 174 14.13 -8.25 -18.14
CA ASP A 174 13.58 -9.56 -17.78
C ASP A 174 12.07 -9.75 -17.88
N PHE A 175 11.66 -10.89 -18.45
CA PHE A 175 10.26 -11.25 -18.50
C PHE A 175 10.08 -12.08 -17.24
N ARG A 176 9.14 -11.70 -16.38
CA ARG A 176 8.94 -12.43 -15.12
C ARG A 176 7.50 -12.46 -14.63
N LEU A 177 7.09 -13.61 -14.09
CA LEU A 177 5.76 -13.74 -13.51
C LEU A 177 5.99 -13.60 -12.01
N TRP A 178 5.47 -12.53 -11.41
CA TRP A 178 5.65 -12.30 -9.99
C TRP A 178 4.89 -13.29 -9.13
N ASN A 179 4.14 -14.18 -9.77
CA ASN A 179 3.35 -15.22 -9.10
C ASN A 179 4.19 -16.48 -8.87
N SER A 180 3.84 -17.24 -7.84
CA SER A 180 4.54 -18.50 -7.55
C SER A 180 3.89 -19.62 -8.37
N GLN A 181 2.59 -19.44 -8.65
CA GLN A 181 1.80 -20.38 -9.44
C GLN A 181 0.79 -19.61 -10.27
N LEU A 182 0.52 -20.11 -11.49
CA LEU A 182 -0.45 -19.48 -12.38
C LEU A 182 -1.76 -19.24 -11.66
N ILE A 183 -2.27 -20.27 -10.97
CA ILE A 183 -3.51 -20.17 -10.23
C ILE A 183 -3.27 -20.41 -8.75
N ARG A 184 -3.67 -19.45 -7.92
CA ARG A 184 -3.48 -19.58 -6.48
C ARG A 184 -4.44 -18.65 -5.73
N TYR A 185 -4.84 -19.07 -4.52
CA TYR A 185 -5.75 -18.29 -3.69
C TYR A 185 -5.01 -17.23 -2.87
N ALA A 186 -5.68 -16.10 -2.63
CA ALA A 186 -5.10 -15.00 -1.86
C ALA A 186 -5.24 -15.25 -0.37
N GLY A 187 -4.38 -14.57 0.39
CA GLY A 187 -4.39 -14.69 1.83
C GLY A 187 -4.49 -13.30 2.40
N TYR A 188 -5.41 -13.10 3.32
CA TYR A 188 -5.61 -11.79 3.91
C TYR A 188 -5.45 -11.81 5.40
N GLN A 189 -4.71 -10.85 5.95
CA GLN A 189 -4.58 -10.80 7.40
C GLN A 189 -5.68 -9.88 7.89
N MET A 190 -6.75 -10.48 8.41
CA MET A 190 -7.88 -9.71 8.90
C MET A 190 -7.49 -8.72 10.00
N PRO A 191 -8.35 -7.73 10.25
CA PRO A 191 -8.09 -6.72 11.29
C PRO A 191 -7.95 -7.31 12.71
N ASP A 192 -8.59 -8.45 12.93
CA ASP A 192 -8.58 -9.14 14.23
C ASP A 192 -7.40 -10.07 14.46
N GLY A 193 -6.33 -9.90 13.69
CA GLY A 193 -5.15 -10.76 13.84
C GLY A 193 -5.31 -12.05 13.06
N THR A 194 -6.55 -12.42 12.80
CA THR A 194 -6.90 -13.63 12.05
C THR A 194 -6.24 -13.63 10.68
N ILE A 195 -6.45 -14.71 9.94
CA ILE A 195 -5.91 -14.85 8.58
C ILE A 195 -6.95 -15.60 7.75
N ARG A 196 -7.43 -14.96 6.69
CA ARG A 196 -8.42 -15.60 5.85
C ARG A 196 -7.84 -15.92 4.49
N GLY A 197 -8.05 -17.16 4.04
CA GLY A 197 -7.54 -17.59 2.75
C GLY A 197 -6.28 -18.41 2.92
N ASP A 198 -5.33 -18.25 2.00
CA ASP A 198 -4.08 -18.98 2.05
C ASP A 198 -2.99 -18.13 2.68
N ALA A 199 -2.54 -18.51 3.86
CA ALA A 199 -1.53 -17.74 4.57
C ALA A 199 -0.20 -17.65 3.82
N ALA A 200 0.02 -18.58 2.89
CA ALA A 200 1.25 -18.62 2.12
C ALA A 200 1.38 -17.52 1.07
N THR A 201 0.24 -16.92 0.70
CA THR A 201 0.25 -15.84 -0.30
C THR A 201 0.07 -14.45 0.33
N LEU A 202 0.19 -14.37 1.65
CA LEU A 202 0.04 -13.11 2.38
C LEU A 202 0.84 -11.95 1.79
N GLU A 203 2.15 -12.14 1.64
CA GLU A 203 2.98 -11.07 1.08
C GLU A 203 2.54 -10.74 -0.35
N PHE A 204 2.61 -11.72 -1.24
CA PHE A 204 2.21 -11.49 -2.62
C PHE A 204 0.83 -10.84 -2.71
N THR A 205 -0.13 -11.37 -1.97
CA THR A 205 -1.50 -10.81 -1.98
C THR A 205 -1.45 -9.33 -1.66
N GLN A 206 -0.64 -8.96 -0.67
CA GLN A 206 -0.53 -7.57 -0.29
C GLN A 206 0.09 -6.78 -1.43
N LEU A 207 1.00 -7.41 -2.17
CA LEU A 207 1.64 -6.76 -3.30
C LEU A 207 0.59 -6.43 -4.34
N CYS A 208 -0.23 -7.43 -4.69
CA CYS A 208 -1.29 -7.27 -5.67
C CYS A 208 -2.21 -6.12 -5.30
N ILE A 209 -2.49 -6.01 -4.00
CA ILE A 209 -3.35 -4.95 -3.53
C ILE A 209 -2.64 -3.63 -3.76
N ASP A 210 -1.35 -3.58 -3.44
CA ASP A 210 -0.56 -2.37 -3.64
C ASP A 210 -0.56 -2.01 -5.13
N LEU A 211 -0.59 -3.02 -5.98
CA LEU A 211 -0.62 -2.77 -7.41
C LEU A 211 -2.02 -2.42 -7.88
N GLY A 212 -2.90 -2.11 -6.92
CA GLY A 212 -4.25 -1.72 -7.26
C GLY A 212 -5.33 -2.78 -7.37
N TRP A 213 -4.98 -4.04 -7.12
CA TRP A 213 -5.96 -5.12 -7.19
C TRP A 213 -6.96 -4.99 -6.04
N LYS A 214 -8.23 -5.33 -6.30
CA LYS A 214 -9.28 -5.22 -5.30
C LYS A 214 -9.52 -6.51 -4.52
N PRO A 215 -9.13 -6.54 -3.23
CA PRO A 215 -9.28 -7.69 -2.34
C PRO A 215 -10.72 -8.04 -2.01
N ARG A 216 -11.12 -9.26 -2.34
CA ARG A 216 -12.48 -9.72 -2.06
C ARG A 216 -12.62 -10.32 -0.65
N TYR A 217 -11.49 -10.51 0.02
CA TYR A 217 -11.47 -11.03 1.39
C TYR A 217 -12.16 -12.39 1.64
N GLY A 218 -12.00 -13.32 0.70
CA GLY A 218 -12.61 -14.63 0.84
C GLY A 218 -11.55 -15.70 1.06
N ARG A 219 -11.98 -16.87 1.51
CA ARG A 219 -11.05 -17.98 1.76
C ARG A 219 -10.46 -18.56 0.48
N PHE A 220 -11.21 -18.45 -0.62
CA PHE A 220 -10.74 -18.99 -1.90
C PHE A 220 -10.81 -18.00 -3.08
N ASP A 221 -10.19 -16.83 -2.92
CA ASP A 221 -10.17 -15.82 -3.96
C ASP A 221 -8.95 -15.96 -4.87
N VAL A 222 -9.16 -16.44 -6.09
CA VAL A 222 -8.05 -16.60 -7.03
C VAL A 222 -7.33 -15.27 -7.24
N LEU A 223 -6.02 -15.29 -7.13
CA LEU A 223 -5.20 -14.09 -7.28
C LEU A 223 -5.00 -13.70 -8.74
N PRO A 224 -4.66 -12.42 -8.99
CA PRO A 224 -4.43 -11.93 -10.36
C PRO A 224 -3.04 -12.28 -10.86
N LEU A 225 -2.88 -12.21 -12.17
CA LEU A 225 -1.61 -12.44 -12.81
C LEU A 225 -0.87 -11.11 -12.68
N VAL A 226 0.40 -11.17 -12.30
CA VAL A 226 1.20 -9.97 -12.17
C VAL A 226 2.35 -10.23 -13.11
N LEU A 227 2.23 -9.68 -14.31
CA LEU A 227 3.23 -9.89 -15.34
C LEU A 227 4.16 -8.72 -15.58
N GLN A 228 5.44 -9.05 -15.77
CA GLN A 228 6.51 -8.10 -16.03
C GLN A 228 7.15 -8.46 -17.35
N ALA A 229 6.98 -7.62 -18.35
CA ALA A 229 7.54 -7.88 -19.66
C ALA A 229 8.68 -6.93 -20.02
N ASP A 230 9.71 -7.47 -20.68
CA ASP A 230 10.86 -6.69 -21.12
C ASP A 230 11.42 -5.74 -20.05
N GLY A 231 11.47 -6.21 -18.81
CA GLY A 231 12.00 -5.38 -17.75
C GLY A 231 11.07 -4.30 -17.26
N GLN A 232 9.91 -4.18 -17.91
CA GLN A 232 8.93 -3.17 -17.53
C GLN A 232 8.26 -3.52 -16.21
N ASP A 233 7.75 -2.50 -15.51
CA ASP A 233 7.08 -2.75 -14.25
C ASP A 233 5.96 -3.75 -14.49
N PRO A 234 5.52 -4.43 -13.41
CA PRO A 234 4.45 -5.42 -13.50
C PRO A 234 3.05 -4.82 -13.68
N GLU A 235 2.26 -5.47 -14.52
CA GLU A 235 0.88 -5.04 -14.76
C GLU A 235 0.02 -6.19 -14.26
N VAL A 236 -1.05 -5.85 -13.54
CA VAL A 236 -1.95 -6.83 -12.98
C VAL A 236 -3.08 -7.23 -13.93
N PHE A 237 -3.27 -8.54 -14.14
CA PHE A 237 -4.33 -9.05 -15.00
C PHE A 237 -5.18 -10.09 -14.26
N GLU A 238 -6.49 -9.94 -14.34
CA GLU A 238 -7.41 -10.87 -13.71
C GLU A 238 -7.50 -12.07 -14.66
N ILE A 239 -7.50 -13.28 -14.12
CA ILE A 239 -7.62 -14.46 -14.96
C ILE A 239 -9.11 -14.69 -15.22
N PRO A 240 -9.48 -14.93 -16.48
CA PRO A 240 -10.88 -15.17 -16.81
C PRO A 240 -11.41 -16.36 -16.01
N PRO A 241 -12.39 -16.11 -15.11
CA PRO A 241 -12.99 -17.14 -14.27
C PRO A 241 -13.33 -18.45 -14.99
N ASP A 242 -13.82 -18.33 -16.21
CA ASP A 242 -14.20 -19.47 -17.04
C ASP A 242 -13.00 -20.40 -17.24
N LEU A 243 -11.80 -19.83 -17.17
CA LEU A 243 -10.56 -20.59 -17.36
C LEU A 243 -10.07 -21.36 -16.12
N VAL A 244 -10.46 -20.91 -14.93
CA VAL A 244 -10.04 -21.55 -13.69
C VAL A 244 -11.02 -22.65 -13.26
N LEU A 245 -10.65 -23.90 -13.53
CA LEU A 245 -11.44 -25.07 -13.17
C LEU A 245 -11.17 -25.41 -11.71
N GLU A 246 -12.23 -25.64 -10.93
CA GLU A 246 -12.08 -25.96 -9.52
C GLU A 246 -12.89 -27.16 -9.10
N VAL A 247 -12.42 -27.83 -8.05
CA VAL A 247 -13.07 -29.02 -7.52
C VAL A 247 -13.57 -28.76 -6.10
N THR A 248 -14.86 -28.96 -5.89
CA THR A 248 -15.46 -28.77 -4.57
C THR A 248 -15.26 -30.08 -3.81
N MET A 249 -14.79 -29.95 -2.57
CA MET A 249 -14.50 -31.11 -1.75
C MET A 249 -15.71 -31.78 -1.12
N GLU A 250 -15.74 -33.11 -1.19
CA GLU A 250 -16.81 -33.89 -0.59
C GLU A 250 -16.34 -35.33 -0.33
N HIS A 251 -16.76 -35.87 0.81
CA HIS A 251 -16.37 -37.23 1.20
C HIS A 251 -17.42 -38.27 0.82
N PRO A 252 -17.00 -39.42 0.27
CA PRO A 252 -17.93 -40.48 -0.14
C PRO A 252 -18.64 -41.21 1.01
N LYS A 253 -18.56 -40.68 2.23
CA LYS A 253 -19.20 -41.31 3.38
C LYS A 253 -19.71 -40.24 4.33
N TYR A 254 -18.86 -39.29 4.66
CA TYR A 254 -19.24 -38.22 5.57
C TYR A 254 -19.88 -37.10 4.76
N GLU A 255 -21.19 -36.95 4.89
CA GLU A 255 -21.91 -35.92 4.16
C GLU A 255 -21.71 -34.53 4.77
N TRP A 256 -21.13 -34.49 5.95
CA TRP A 256 -20.86 -33.23 6.62
C TRP A 256 -19.58 -32.60 6.05
N PHE A 257 -18.83 -33.39 5.28
CA PHE A 257 -17.58 -32.91 4.70
C PHE A 257 -17.81 -31.70 3.81
N GLN A 258 -18.87 -31.76 3.03
CA GLN A 258 -19.23 -30.66 2.14
C GLN A 258 -19.45 -29.39 2.96
N GLU A 259 -20.02 -29.56 4.15
CA GLU A 259 -20.31 -28.43 5.05
C GLU A 259 -19.07 -27.64 5.46
N LEU A 260 -17.89 -28.13 5.08
CA LEU A 260 -16.64 -27.45 5.42
C LEU A 260 -16.39 -26.33 4.41
N GLY A 261 -17.02 -26.47 3.24
CA GLY A 261 -16.88 -25.48 2.20
C GLY A 261 -15.48 -25.42 1.65
N LEU A 262 -14.95 -26.58 1.26
CA LEU A 262 -13.60 -26.67 0.73
C LEU A 262 -13.54 -26.98 -0.76
N LYS A 263 -12.53 -26.43 -1.42
CA LYS A 263 -12.33 -26.65 -2.83
C LYS A 263 -10.90 -26.23 -3.16
N TRP A 264 -10.42 -26.65 -4.33
CA TRP A 264 -9.07 -26.31 -4.76
C TRP A 264 -9.02 -26.26 -6.28
N TYR A 265 -8.07 -25.52 -6.82
CA TYR A 265 -7.93 -25.44 -8.27
C TYR A 265 -7.37 -26.75 -8.80
N ALA A 266 -7.75 -27.09 -10.02
CA ALA A 266 -7.33 -28.34 -10.64
C ALA A 266 -5.96 -28.27 -11.31
N LEU A 267 -5.49 -27.05 -11.60
CA LEU A 267 -4.22 -26.87 -12.31
C LEU A 267 -3.02 -26.39 -11.48
N PRO A 268 -2.04 -27.29 -11.27
CA PRO A 268 -0.84 -26.92 -10.49
C PRO A 268 0.20 -26.47 -11.54
N ALA A 269 0.51 -25.18 -11.54
CA ALA A 269 1.46 -24.64 -12.50
C ALA A 269 2.47 -23.71 -11.84
N VAL A 270 3.74 -24.14 -11.83
CA VAL A 270 4.82 -23.35 -11.25
C VAL A 270 5.08 -22.18 -12.20
N ALA A 271 5.00 -20.97 -11.65
CA ALA A 271 5.17 -19.76 -12.44
C ALA A 271 6.47 -19.00 -12.33
N ASN A 272 7.16 -19.13 -11.20
CA ASN A 272 8.38 -18.36 -10.97
C ASN A 272 9.76 -19.00 -11.07
N MET A 273 9.88 -20.13 -11.78
CA MET A 273 11.19 -20.75 -11.92
C MET A 273 11.91 -20.33 -13.21
N LEU A 274 13.21 -20.58 -13.26
CA LEU A 274 14.02 -20.20 -14.41
C LEU A 274 14.59 -21.44 -15.12
N LEU A 275 14.50 -21.47 -16.44
CA LEU A 275 15.03 -22.58 -17.24
C LEU A 275 16.43 -22.22 -17.67
N GLU A 276 17.36 -23.16 -17.53
CA GLU A 276 18.75 -22.93 -17.92
C GLU A 276 19.13 -23.95 -18.98
N VAL A 277 19.74 -23.49 -20.06
CA VAL A 277 20.16 -24.38 -21.12
C VAL A 277 21.22 -23.75 -22.01
N GLY A 278 22.28 -24.51 -22.28
CA GLY A 278 23.38 -24.06 -23.13
C GLY A 278 23.86 -22.63 -22.93
N GLY A 279 23.90 -22.17 -21.69
CA GLY A 279 24.37 -20.83 -21.42
C GLY A 279 23.23 -19.84 -21.29
N LEU A 280 22.05 -20.21 -21.78
CA LEU A 280 20.88 -19.35 -21.73
C LEU A 280 20.01 -19.57 -20.51
N GLU A 281 19.36 -18.50 -20.08
CA GLU A 281 18.48 -18.50 -18.93
C GLU A 281 17.11 -17.92 -19.31
N PHE A 282 16.03 -18.63 -19.01
CA PHE A 282 14.70 -18.12 -19.29
C PHE A 282 14.00 -17.86 -17.96
N PRO A 283 14.04 -16.60 -17.49
CA PRO A 283 13.42 -16.24 -16.21
C PRO A 283 11.89 -16.30 -16.20
N ALA A 284 11.31 -16.63 -17.35
CA ALA A 284 9.86 -16.74 -17.45
C ALA A 284 9.50 -17.91 -18.35
N CYS A 285 8.99 -18.97 -17.72
CA CYS A 285 8.60 -20.19 -18.41
C CYS A 285 7.61 -21.00 -17.56
N PRO A 286 6.39 -20.50 -17.40
CA PRO A 286 5.46 -21.29 -16.58
C PRO A 286 5.23 -22.67 -17.20
N PHE A 287 5.17 -23.67 -16.35
CA PHE A 287 4.94 -25.05 -16.78
C PHE A 287 3.97 -25.71 -15.81
N ASN A 288 3.35 -26.80 -16.23
CA ASN A 288 2.39 -27.48 -15.36
C ASN A 288 2.31 -28.97 -15.66
N GLY A 289 1.83 -29.70 -14.66
CA GLY A 289 1.62 -31.14 -14.78
C GLY A 289 0.27 -31.31 -14.12
N TRP A 290 0.05 -32.44 -13.44
CA TRP A 290 -1.21 -32.64 -12.74
C TRP A 290 -0.91 -32.94 -11.29
N TYR A 291 -1.91 -32.71 -10.44
CA TYR A 291 -1.80 -32.90 -9.00
C TYR A 291 -1.64 -34.33 -8.49
N MET A 292 -0.98 -34.41 -7.34
CA MET A 292 -0.80 -35.66 -6.62
C MET A 292 -1.60 -35.37 -5.35
N GLY A 293 -2.59 -36.20 -5.08
CA GLY A 293 -3.44 -36.00 -3.92
C GLY A 293 -2.91 -35.33 -2.65
N THR A 294 -1.80 -35.84 -2.12
CA THR A 294 -1.24 -35.30 -0.88
C THR A 294 -0.90 -33.81 -0.90
N GLU A 295 -0.63 -33.26 -2.09
CA GLU A 295 -0.28 -31.84 -2.19
C GLU A 295 -1.41 -30.99 -1.65
N ILE A 296 -2.64 -31.40 -1.96
CA ILE A 296 -3.83 -30.68 -1.52
C ILE A 296 -4.33 -31.23 -0.19
N GLY A 297 -4.58 -32.53 -0.17
CA GLY A 297 -5.08 -33.16 1.04
C GLY A 297 -4.21 -32.98 2.26
N VAL A 298 -2.92 -33.25 2.14
CA VAL A 298 -2.03 -33.14 3.29
C VAL A 298 -1.39 -31.78 3.48
N ARG A 299 -0.73 -31.26 2.46
CA ARG A 299 -0.06 -29.99 2.62
C ARG A 299 -0.95 -28.73 2.62
N ASP A 300 -1.63 -28.48 1.51
CA ASP A 300 -2.48 -27.29 1.41
C ASP A 300 -3.58 -27.18 2.46
N PHE A 301 -4.27 -28.29 2.73
CA PHE A 301 -5.35 -28.28 3.70
C PHE A 301 -4.93 -28.47 5.16
N CYS A 302 -3.96 -29.35 5.40
CA CYS A 302 -3.55 -29.61 6.77
C CYS A 302 -2.30 -28.92 7.33
N ASP A 303 -1.48 -28.31 6.48
CA ASP A 303 -0.31 -27.60 7.01
C ASP A 303 -0.80 -26.57 8.00
N THR A 304 -0.11 -26.47 9.12
CA THR A 304 -0.45 -25.52 10.14
C THR A 304 -0.30 -24.11 9.57
N GLN A 305 0.58 -23.96 8.58
CA GLN A 305 0.83 -22.66 7.95
C GLN A 305 0.00 -22.40 6.68
N ARG A 306 -0.92 -23.31 6.38
CA ARG A 306 -1.80 -23.17 5.22
C ARG A 306 -3.24 -23.09 5.74
N TYR A 307 -4.14 -23.87 5.16
CA TYR A 307 -5.54 -23.82 5.60
C TYR A 307 -5.75 -24.43 6.97
N ASN A 308 -4.86 -25.31 7.38
CA ASN A 308 -4.92 -25.90 8.72
C ASN A 308 -6.30 -26.39 9.17
N ILE A 309 -6.90 -27.30 8.41
CA ILE A 309 -8.23 -27.82 8.73
C ILE A 309 -8.26 -29.17 9.45
N LEU A 310 -7.12 -29.64 9.93
CA LEU A 310 -7.04 -30.95 10.58
C LEU A 310 -7.79 -31.16 11.91
N GLU A 311 -7.83 -30.18 12.79
CA GLU A 311 -8.56 -30.41 14.04
C GLU A 311 -10.07 -30.37 13.84
N GLU A 312 -10.53 -29.52 12.93
CA GLU A 312 -11.94 -29.37 12.61
C GLU A 312 -12.49 -30.70 12.09
N VAL A 313 -11.76 -31.30 11.16
CA VAL A 313 -12.15 -32.58 10.58
C VAL A 313 -12.12 -33.65 11.66
N GLY A 314 -11.17 -33.53 12.57
CA GLY A 314 -11.06 -34.48 13.65
C GLY A 314 -12.28 -34.41 14.55
N ARG A 315 -12.68 -33.20 14.92
CA ARG A 315 -13.86 -33.01 15.76
C ARG A 315 -15.09 -33.60 15.08
N ARG A 316 -15.29 -33.25 13.82
CA ARG A 316 -16.42 -33.76 13.08
C ARG A 316 -16.38 -35.25 12.86
N MET A 317 -15.28 -35.89 13.25
CA MET A 317 -15.17 -37.33 13.10
C MET A 317 -15.37 -37.95 14.47
N GLY A 318 -15.47 -37.06 15.46
CA GLY A 318 -15.67 -37.44 16.84
C GLY A 318 -14.48 -38.16 17.42
N LEU A 319 -13.29 -37.67 17.12
CA LEU A 319 -12.04 -38.28 17.59
C LEU A 319 -11.52 -37.60 18.86
N GLU A 320 -10.71 -38.34 19.62
CA GLU A 320 -10.11 -37.85 20.88
C GLU A 320 -9.10 -36.76 20.53
N THR A 321 -9.63 -35.69 19.95
CA THR A 321 -8.85 -34.54 19.50
C THR A 321 -7.92 -33.90 20.53
N HIS A 322 -8.06 -34.29 21.80
CA HIS A 322 -7.20 -33.76 22.85
C HIS A 322 -6.20 -34.78 23.40
N THR A 323 -6.17 -35.95 22.77
CA THR A 323 -5.26 -37.03 23.14
C THR A 323 -4.38 -37.31 21.92
N LEU A 324 -3.24 -36.63 21.85
CA LEU A 324 -2.28 -36.77 20.75
C LEU A 324 -1.93 -38.23 20.46
N ALA A 325 -1.78 -39.02 21.53
CA ALA A 325 -1.42 -40.43 21.39
C ALA A 325 -2.53 -41.33 20.82
N SER A 326 -3.73 -40.77 20.60
CA SER A 326 -4.85 -41.54 20.05
C SER A 326 -4.72 -41.72 18.54
N LEU A 327 -3.78 -40.98 17.94
CA LEU A 327 -3.53 -41.03 16.50
C LEU A 327 -4.68 -40.49 15.67
N TRP A 328 -5.44 -39.56 16.24
CA TRP A 328 -6.57 -38.96 15.54
C TRP A 328 -6.13 -38.17 14.31
N LYS A 329 -4.94 -37.60 14.36
CA LYS A 329 -4.43 -36.85 13.24
C LYS A 329 -4.20 -37.77 12.06
N ASP A 330 -3.73 -38.99 12.34
CA ASP A 330 -3.49 -39.98 11.29
C ASP A 330 -4.82 -40.31 10.64
N ARG A 331 -5.86 -40.43 11.46
CA ARG A 331 -7.19 -40.77 11.00
C ARG A 331 -7.84 -39.70 10.15
N ALA A 332 -7.80 -38.47 10.63
CA ALA A 332 -8.38 -37.34 9.90
C ALA A 332 -7.69 -37.12 8.55
N VAL A 333 -6.38 -36.87 8.59
CA VAL A 333 -5.62 -36.62 7.38
C VAL A 333 -5.88 -37.67 6.30
N THR A 334 -6.12 -38.91 6.72
CA THR A 334 -6.38 -39.96 5.74
C THR A 334 -7.75 -39.79 5.08
N GLU A 335 -8.74 -39.36 5.87
CA GLU A 335 -10.09 -39.15 5.33
C GLU A 335 -10.12 -37.92 4.43
N ILE A 336 -9.30 -36.92 4.76
CA ILE A 336 -9.19 -35.71 3.96
C ILE A 336 -8.58 -36.09 2.60
N ASN A 337 -7.62 -37.01 2.62
CA ASN A 337 -6.95 -37.45 1.40
C ASN A 337 -7.92 -38.23 0.51
N VAL A 338 -8.87 -38.91 1.14
CA VAL A 338 -9.87 -39.69 0.41
C VAL A 338 -10.91 -38.73 -0.19
N ALA A 339 -11.21 -37.65 0.54
CA ALA A 339 -12.15 -36.64 0.06
C ALA A 339 -11.56 -35.98 -1.19
N VAL A 340 -10.30 -35.58 -1.09
CA VAL A 340 -9.59 -34.94 -2.19
C VAL A 340 -9.52 -35.79 -3.44
N LEU A 341 -9.18 -37.07 -3.29
CA LEU A 341 -9.09 -37.98 -4.45
C LEU A 341 -10.48 -38.23 -5.02
N HIS A 342 -11.40 -38.64 -4.16
CA HIS A 342 -12.77 -38.91 -4.56
C HIS A 342 -13.39 -37.72 -5.30
N SER A 343 -13.27 -36.51 -4.75
CA SER A 343 -13.82 -35.29 -5.35
C SER A 343 -13.26 -35.00 -6.77
N PHE A 344 -11.98 -35.26 -6.98
CA PHE A 344 -11.36 -35.05 -8.29
C PHE A 344 -11.89 -36.07 -9.30
N GLN A 345 -11.88 -37.34 -8.90
CA GLN A 345 -12.37 -38.40 -9.77
C GLN A 345 -13.84 -38.16 -10.13
N LYS A 346 -14.65 -37.87 -9.11
CA LYS A 346 -16.07 -37.58 -9.30
C LYS A 346 -16.25 -36.53 -10.40
N GLN A 347 -15.54 -35.41 -10.26
CA GLN A 347 -15.64 -34.30 -11.22
C GLN A 347 -14.78 -34.49 -12.46
N ASN A 348 -14.22 -35.69 -12.59
CA ASN A 348 -13.38 -36.06 -13.73
C ASN A 348 -12.16 -35.19 -13.99
N VAL A 349 -11.48 -34.80 -12.92
CA VAL A 349 -10.27 -34.01 -13.00
C VAL A 349 -9.08 -34.92 -12.68
N THR A 350 -8.16 -35.04 -13.64
CA THR A 350 -6.99 -35.87 -13.48
C THR A 350 -6.25 -35.62 -12.16
N ILE A 351 -6.04 -36.69 -11.40
CA ILE A 351 -5.31 -36.60 -10.15
C ILE A 351 -4.59 -37.93 -9.94
N MET A 352 -3.63 -37.96 -9.05
CA MET A 352 -2.87 -39.19 -8.80
C MET A 352 -2.60 -39.32 -7.31
N ASP A 353 -2.76 -40.53 -6.80
CA ASP A 353 -2.52 -40.80 -5.37
C ASP A 353 -1.01 -40.97 -5.15
N HIS A 354 -0.55 -40.72 -3.93
CA HIS A 354 0.88 -40.84 -3.64
C HIS A 354 1.47 -42.24 -3.81
N HIS A 355 0.69 -43.28 -3.55
CA HIS A 355 1.17 -44.66 -3.71
C HIS A 355 1.48 -44.96 -5.17
N THR A 356 0.56 -44.56 -6.04
CA THR A 356 0.73 -44.78 -7.46
C THR A 356 1.88 -43.93 -8.00
N ALA A 357 1.99 -42.70 -7.50
CA ALA A 357 3.05 -41.80 -7.93
C ALA A 357 4.42 -42.39 -7.58
N SER A 358 4.57 -42.82 -6.32
CA SER A 358 5.83 -43.41 -5.84
C SER A 358 6.26 -44.62 -6.64
N GLU A 359 5.28 -45.44 -6.97
CA GLU A 359 5.51 -46.65 -7.74
C GLU A 359 5.99 -46.36 -9.15
N SER A 360 5.37 -45.38 -9.82
CA SER A 360 5.78 -45.04 -11.18
C SER A 360 7.17 -44.41 -11.18
N PHE A 361 7.47 -43.58 -10.18
CA PHE A 361 8.79 -42.95 -10.11
C PHE A 361 9.90 -44.00 -10.03
N MET A 362 9.65 -45.07 -9.28
CA MET A 362 10.62 -46.15 -9.13
C MET A 362 10.86 -46.77 -10.51
N LYS A 363 9.80 -46.87 -11.30
CA LYS A 363 9.89 -47.43 -12.63
C LYS A 363 10.77 -46.52 -13.47
N HIS A 364 10.60 -45.22 -13.29
CA HIS A 364 11.36 -44.20 -14.01
C HIS A 364 12.83 -44.23 -13.62
N MET A 365 13.08 -44.23 -12.31
CA MET A 365 14.44 -44.25 -11.78
C MET A 365 15.22 -45.43 -12.34
N GLN A 366 14.52 -46.53 -12.57
CA GLN A 366 15.15 -47.73 -13.12
C GLN A 366 15.46 -47.53 -14.61
N ASN A 367 14.55 -46.88 -15.32
CA ASN A 367 14.77 -46.62 -16.74
C ASN A 367 15.98 -45.72 -16.87
N GLU A 368 16.04 -44.71 -16.02
CA GLU A 368 17.14 -43.74 -16.00
C GLU A 368 18.51 -44.36 -15.76
N TYR A 369 18.63 -45.19 -14.73
CA TYR A 369 19.92 -45.82 -14.44
C TYR A 369 20.33 -46.72 -15.59
N ARG A 370 19.33 -47.35 -16.19
CA ARG A 370 19.54 -48.25 -17.30
C ARG A 370 19.83 -47.44 -18.57
N ALA A 371 19.15 -46.30 -18.70
CA ALA A 371 19.30 -45.44 -19.86
C ALA A 371 20.54 -44.55 -19.81
N ARG A 372 20.75 -43.85 -18.70
CA ARG A 372 21.91 -43.00 -18.60
C ARG A 372 22.66 -43.10 -17.29
N GLY A 373 22.64 -44.29 -16.70
CA GLY A 373 23.35 -44.53 -15.45
C GLY A 373 23.18 -43.53 -14.33
N GLY A 374 21.94 -43.15 -14.04
CA GLY A 374 21.71 -42.21 -12.96
C GLY A 374 20.38 -41.49 -13.06
N CYS A 375 20.04 -40.79 -11.98
CA CYS A 375 18.81 -40.01 -11.90
C CYS A 375 18.91 -39.14 -10.68
N PRO A 376 19.10 -37.82 -10.89
CA PRO A 376 19.20 -36.89 -9.76
C PRO A 376 17.91 -36.91 -8.95
N ALA A 377 18.00 -37.25 -7.68
CA ALA A 377 16.81 -37.35 -6.85
C ALA A 377 17.00 -36.82 -5.43
N ASP A 378 16.02 -36.04 -4.99
CA ASP A 378 16.03 -35.46 -3.66
C ASP A 378 15.03 -36.31 -2.86
N TRP A 379 15.57 -37.21 -2.06
CA TRP A 379 14.78 -38.11 -1.22
C TRP A 379 13.77 -37.34 -0.37
N ILE A 380 14.22 -36.23 0.22
CA ILE A 380 13.39 -35.40 1.10
C ILE A 380 12.11 -34.82 0.45
N TRP A 381 12.15 -34.62 -0.86
CA TRP A 381 11.00 -34.09 -1.58
C TRP A 381 10.19 -35.20 -2.23
N LEU A 382 10.90 -36.23 -2.69
CA LEU A 382 10.30 -37.38 -3.37
C LEU A 382 9.50 -38.32 -2.47
N VAL A 383 9.67 -38.25 -1.17
CA VAL A 383 8.91 -39.11 -0.26
C VAL A 383 7.64 -38.35 0.18
N PRO A 384 6.45 -38.96 -0.02
CA PRO A 384 5.16 -38.35 0.34
C PRO A 384 5.08 -37.86 1.78
N PRO A 385 4.33 -36.77 2.02
CA PRO A 385 4.17 -36.18 3.36
C PRO A 385 3.34 -37.07 4.28
N VAL A 386 2.94 -38.22 3.75
CA VAL A 386 2.21 -39.24 4.50
C VAL A 386 2.54 -40.60 3.91
N SER A 387 2.47 -41.64 4.74
CA SER A 387 2.73 -43.02 4.32
C SER A 387 4.18 -43.31 3.92
N GLY A 388 5.10 -42.45 4.36
CA GLY A 388 6.50 -42.61 4.05
C GLY A 388 7.02 -44.00 3.74
N SER A 389 7.28 -44.79 4.79
CA SER A 389 7.81 -46.14 4.61
C SER A 389 6.85 -47.09 3.89
N ILE A 390 5.58 -46.70 3.79
CA ILE A 390 4.58 -47.50 3.10
C ILE A 390 4.81 -47.44 1.59
N THR A 391 5.58 -46.44 1.14
CA THR A 391 5.89 -46.27 -0.28
C THR A 391 7.29 -46.81 -0.54
N PRO A 392 7.57 -47.28 -1.76
CA PRO A 392 8.88 -47.82 -2.14
C PRO A 392 10.07 -46.85 -2.20
N VAL A 393 9.80 -45.58 -2.51
CA VAL A 393 10.87 -44.59 -2.62
C VAL A 393 11.59 -44.33 -1.32
N PHE A 394 10.90 -44.51 -0.20
CA PHE A 394 11.47 -44.31 1.13
C PHE A 394 12.66 -45.24 1.36
N HIS A 395 12.55 -46.46 0.84
CA HIS A 395 13.58 -47.49 0.99
C HIS A 395 14.67 -47.42 -0.08
N GLN A 396 14.59 -46.42 -0.94
CA GLN A 396 15.55 -46.26 -2.02
C GLN A 396 16.58 -45.15 -1.74
N GLU A 397 17.87 -45.50 -1.74
CA GLU A 397 18.92 -44.51 -1.52
C GLU A 397 19.07 -43.78 -2.83
N MET A 398 19.40 -42.49 -2.77
CA MET A 398 19.56 -41.70 -4.00
C MET A 398 20.57 -40.56 -3.91
N LEU A 399 21.03 -40.11 -5.07
CA LEU A 399 21.99 -39.02 -5.17
C LEU A 399 21.32 -37.79 -5.74
N ASN A 400 21.57 -36.65 -5.10
CA ASN A 400 20.99 -35.39 -5.52
C ASN A 400 22.09 -34.46 -6.02
N TYR A 401 22.01 -34.10 -7.30
CA TYR A 401 22.99 -33.20 -7.92
C TYR A 401 22.34 -32.38 -9.04
N VAL A 402 22.92 -31.22 -9.32
CA VAL A 402 22.39 -30.34 -10.35
C VAL A 402 23.07 -30.49 -11.72
N LEU A 403 22.34 -31.05 -12.68
CA LEU A 403 22.86 -31.20 -14.02
C LEU A 403 22.37 -29.98 -14.81
N SER A 404 22.40 -30.08 -16.14
CA SER A 404 21.93 -29.01 -17.03
C SER A 404 21.45 -29.68 -18.33
N PRO A 405 20.32 -29.21 -18.91
CA PRO A 405 19.43 -28.12 -18.49
C PRO A 405 18.84 -28.33 -17.09
N PHE A 406 18.26 -27.28 -16.52
CA PHE A 406 17.75 -27.35 -15.17
C PHE A 406 16.74 -26.22 -14.88
N TYR A 407 15.80 -26.47 -13.96
CA TYR A 407 14.82 -25.45 -13.59
C TYR A 407 15.27 -24.93 -12.22
N TYR A 408 15.76 -23.70 -12.20
CA TYR A 408 16.24 -23.06 -10.97
C TYR A 408 15.17 -22.21 -10.33
N TYR A 409 15.42 -21.81 -9.10
CA TYR A 409 14.52 -20.93 -8.37
C TYR A 409 15.07 -19.55 -8.69
N GLN A 410 14.37 -18.49 -8.29
CA GLN A 410 14.85 -17.15 -8.53
C GLN A 410 14.54 -16.30 -7.32
N ILE A 411 15.17 -15.13 -7.22
CA ILE A 411 14.90 -14.25 -6.09
C ILE A 411 13.54 -13.57 -6.34
N GLU A 412 12.79 -13.35 -5.27
CA GLU A 412 11.48 -12.70 -5.35
C GLU A 412 11.60 -11.42 -6.18
N PRO A 413 10.93 -11.37 -7.34
CA PRO A 413 10.99 -10.19 -8.20
C PRO A 413 10.85 -8.82 -7.53
N TRP A 414 9.95 -8.70 -6.55
CA TRP A 414 9.77 -7.42 -5.88
C TRP A 414 10.93 -7.02 -4.96
N LYS A 415 11.86 -7.94 -4.76
CA LYS A 415 13.03 -7.67 -3.93
C LYS A 415 14.15 -7.09 -4.80
N THR A 416 14.20 -7.53 -6.06
CA THR A 416 15.23 -7.10 -7.00
C THR A 416 14.66 -6.46 -8.26
N HIS A 417 13.92 -5.36 -8.10
CA HIS A 417 13.32 -4.67 -9.24
C HIS A 417 13.47 -3.17 -9.08
N ILE A 418 13.98 -2.54 -10.13
CA ILE A 418 14.14 -1.09 -10.13
C ILE A 418 12.84 -0.59 -10.73
N TRP A 419 11.97 -0.02 -9.91
CA TRP A 419 10.71 0.47 -10.44
C TRP A 419 10.92 1.67 -11.35
N GLN B 1 -8.48 56.20 -3.36
CA GLN B 1 -9.53 56.67 -2.42
C GLN B 1 -9.88 55.54 -1.43
N TYR B 2 -11.07 54.95 -1.59
CA TYR B 2 -11.51 53.86 -0.73
C TYR B 2 -12.72 53.15 -1.31
N VAL B 3 -13.10 52.04 -0.69
CA VAL B 3 -14.25 51.28 -1.13
C VAL B 3 -15.34 51.34 -0.06
N ARG B 4 -16.54 51.75 -0.45
CA ARG B 4 -17.65 51.86 0.47
C ARG B 4 -18.24 50.47 0.76
N ILE B 5 -18.56 50.24 2.02
CA ILE B 5 -19.10 48.96 2.48
C ILE B 5 -20.35 49.22 3.29
N LYS B 6 -21.45 48.56 2.93
CA LYS B 6 -22.70 48.77 3.66
C LYS B 6 -23.25 47.54 4.39
N ASN B 7 -23.88 47.80 5.52
CA ASN B 7 -24.50 46.75 6.33
C ASN B 7 -26.00 47.00 6.19
N TRP B 8 -26.65 46.17 5.38
CA TRP B 8 -28.08 46.33 5.12
C TRP B 8 -28.97 46.08 6.32
N GLY B 9 -28.39 45.62 7.43
CA GLY B 9 -29.20 45.38 8.60
C GLY B 9 -29.38 46.68 9.40
N SER B 10 -28.29 47.43 9.54
CA SER B 10 -28.32 48.70 10.27
C SER B 10 -28.25 49.90 9.34
N GLY B 11 -27.99 49.65 8.06
CA GLY B 11 -27.89 50.73 7.10
C GLY B 11 -26.67 51.59 7.37
N GLU B 12 -25.64 50.96 7.94
CA GLU B 12 -24.42 51.65 8.30
C GLU B 12 -23.36 51.46 7.21
N ILE B 13 -22.54 52.48 6.96
CA ILE B 13 -21.49 52.39 5.95
C ILE B 13 -20.09 52.50 6.54
N LEU B 14 -19.13 51.88 5.85
CA LEU B 14 -17.73 51.87 6.28
C LEU B 14 -16.85 52.05 5.04
N HIS B 15 -15.69 52.65 5.20
CA HIS B 15 -14.79 52.87 4.06
C HIS B 15 -13.50 52.04 4.21
N ASP B 16 -13.32 51.07 3.33
CA ASP B 16 -12.14 50.21 3.39
C ASP B 16 -10.97 50.79 2.60
N THR B 17 -9.90 51.10 3.33
CA THR B 17 -8.69 51.65 2.74
C THR B 17 -7.62 50.55 2.76
N LEU B 18 -7.61 49.78 3.83
CA LEU B 18 -6.67 48.70 4.04
C LEU B 18 -6.40 47.80 2.86
N HIS B 19 -7.40 47.58 2.01
CA HIS B 19 -7.19 46.70 0.87
C HIS B 19 -6.06 47.22 -0.01
N HIS B 20 -5.76 48.50 0.15
CA HIS B 20 -4.68 49.12 -0.61
C HIS B 20 -3.37 48.39 -0.35
N LYS B 21 -3.21 47.89 0.87
CA LYS B 21 -1.98 47.18 1.22
C LYS B 21 -2.00 45.74 0.74
N ALA B 22 -3.06 45.39 0.01
CA ALA B 22 -3.22 44.03 -0.53
C ALA B 22 -2.02 43.65 -1.39
N THR B 23 -1.50 42.45 -1.13
CA THR B 23 -0.35 41.93 -1.86
C THR B 23 -0.62 41.79 -3.34
N SER B 24 -0.31 40.60 -3.87
CA SER B 24 -0.48 40.28 -5.27
C SER B 24 -1.96 40.13 -5.64
N ASP B 25 -2.22 39.79 -6.90
CA ASP B 25 -3.57 39.61 -7.41
C ASP B 25 -4.28 38.46 -6.72
N PHE B 26 -5.58 38.61 -6.54
CA PHE B 26 -6.40 37.59 -5.91
C PHE B 26 -6.78 36.58 -6.99
N THR B 27 -7.84 35.81 -6.79
CA THR B 27 -8.25 34.81 -7.76
C THR B 27 -9.39 35.22 -8.69
N CYS B 28 -9.84 36.46 -8.57
CA CYS B 28 -10.92 36.95 -9.41
C CYS B 28 -10.36 37.69 -10.63
N LYS B 29 -10.78 37.24 -11.81
CA LYS B 29 -10.34 37.83 -13.07
C LYS B 29 -10.80 39.29 -13.18
N SER B 30 -10.62 39.86 -14.36
CA SER B 30 -11.00 41.23 -14.64
C SER B 30 -12.51 41.32 -14.93
N LYS B 31 -13.04 40.26 -15.53
CA LYS B 31 -14.46 40.19 -15.88
C LYS B 31 -15.22 39.02 -15.22
N SER B 32 -14.49 38.15 -14.53
CA SER B 32 -15.11 37.02 -13.85
C SER B 32 -14.87 37.11 -12.34
N CYS B 33 -15.58 36.29 -11.58
CA CYS B 33 -15.44 36.24 -10.12
C CYS B 33 -15.50 34.80 -9.65
N LEU B 34 -14.39 34.33 -9.09
CA LEU B 34 -14.33 32.96 -8.58
C LEU B 34 -14.04 32.97 -7.08
N GLY B 35 -14.86 33.72 -6.35
CA GLY B 35 -14.71 33.83 -4.91
C GLY B 35 -15.29 32.65 -4.14
N SER B 36 -15.97 31.73 -4.83
CA SER B 36 -16.54 30.56 -4.18
C SER B 36 -15.65 29.34 -4.41
N ILE B 37 -14.47 29.56 -4.98
CA ILE B 37 -13.53 28.47 -5.18
C ILE B 37 -12.90 28.22 -3.81
N MET B 38 -12.83 26.96 -3.41
CA MET B 38 -12.25 26.60 -2.11
C MET B 38 -10.75 26.81 -1.96
N ASN B 39 -9.99 26.14 -2.82
CA ASN B 39 -8.54 26.22 -2.77
C ASN B 39 -7.97 26.83 -4.04
N PRO B 40 -8.13 28.16 -4.19
CA PRO B 40 -7.61 28.87 -5.38
C PRO B 40 -6.10 29.09 -5.26
N LYS B 41 -5.41 29.16 -6.38
CA LYS B 41 -3.96 29.36 -6.33
C LYS B 41 -3.57 30.61 -5.53
N SER B 42 -4.43 31.61 -5.49
CA SER B 42 -4.14 32.84 -4.76
C SER B 42 -3.96 32.59 -3.28
N LEU B 43 -4.56 31.51 -2.79
CA LEU B 43 -4.49 31.18 -1.37
C LEU B 43 -3.51 30.07 -1.04
N THR B 44 -2.88 29.50 -2.07
CA THR B 44 -1.92 28.42 -1.89
C THR B 44 -0.48 28.89 -2.07
N ARG B 45 0.41 28.37 -1.23
CA ARG B 45 1.84 28.69 -1.29
C ARG B 45 2.57 27.35 -1.45
N GLY B 46 2.90 27.05 -2.70
CA GLY B 46 3.54 25.80 -3.05
C GLY B 46 5.02 25.61 -2.72
N PRO B 47 5.55 24.42 -3.06
CA PRO B 47 6.95 24.01 -2.84
C PRO B 47 7.96 24.95 -3.49
N ARG B 48 9.22 24.72 -3.17
CA ARG B 48 10.31 25.48 -3.73
C ARG B 48 11.48 24.53 -4.03
N ASP B 49 12.32 24.95 -4.95
CA ASP B 49 13.46 24.16 -5.40
C ASP B 49 14.76 24.77 -4.86
N LYS B 50 14.73 26.08 -4.63
CA LYS B 50 15.90 26.82 -4.15
C LYS B 50 15.45 28.01 -3.29
N PRO B 51 16.41 28.70 -2.67
CA PRO B 51 16.08 29.87 -1.83
C PRO B 51 15.34 30.93 -2.63
N THR B 52 14.47 31.65 -1.94
CA THR B 52 13.70 32.70 -2.58
C THR B 52 14.58 33.88 -2.97
N PRO B 53 14.55 34.25 -4.27
CA PRO B 53 15.33 35.35 -4.82
C PRO B 53 15.36 36.60 -3.92
N LEU B 54 16.57 37.06 -3.64
CA LEU B 54 16.79 38.24 -2.80
C LEU B 54 16.00 39.45 -3.34
N GLU B 55 15.85 39.50 -4.67
CA GLU B 55 15.13 40.60 -5.31
C GLU B 55 13.70 40.73 -4.79
N GLU B 56 13.08 39.60 -4.45
CA GLU B 56 11.71 39.63 -3.94
C GLU B 56 11.69 39.58 -2.40
N LEU B 57 12.63 38.85 -1.82
CA LEU B 57 12.72 38.71 -0.36
C LEU B 57 13.03 39.99 0.40
N LEU B 58 14.08 40.69 -0.01
CA LEU B 58 14.52 41.91 0.64
C LEU B 58 13.40 42.94 0.84
N PRO B 59 12.64 43.27 -0.23
CA PRO B 59 11.55 44.24 -0.15
C PRO B 59 10.46 43.79 0.84
N HIS B 60 10.23 42.47 0.91
CA HIS B 60 9.25 41.88 1.82
C HIS B 60 9.72 41.99 3.27
N ALA B 61 10.98 41.64 3.49
CA ALA B 61 11.58 41.71 4.82
C ALA B 61 11.45 43.12 5.37
N ILE B 62 11.84 44.09 4.56
CA ILE B 62 11.77 45.50 4.97
C ILE B 62 10.33 45.90 5.32
N GLU B 63 9.38 45.45 4.50
CA GLU B 63 7.97 45.76 4.72
C GLU B 63 7.49 45.30 6.10
N PHE B 64 7.87 44.08 6.46
CA PHE B 64 7.50 43.51 7.75
C PHE B 64 8.11 44.29 8.91
N ILE B 65 9.42 44.51 8.84
CA ILE B 65 10.13 45.24 9.90
C ILE B 65 9.44 46.57 10.15
N ASN B 66 9.03 47.22 9.06
CA ASN B 66 8.34 48.51 9.16
C ASN B 66 6.98 48.30 9.81
N GLN B 67 6.33 47.19 9.46
CA GLN B 67 5.02 46.85 10.01
C GLN B 67 5.12 46.65 11.52
N TYR B 68 6.13 45.87 11.92
CA TYR B 68 6.40 45.55 13.31
C TYR B 68 6.59 46.79 14.17
N TYR B 69 7.54 47.63 13.80
CA TYR B 69 7.81 48.84 14.56
C TYR B 69 6.65 49.82 14.46
N GLY B 70 5.84 49.65 13.43
CA GLY B 70 4.70 50.51 13.24
C GLY B 70 3.63 50.28 14.30
N SER B 71 3.59 49.05 14.83
CA SER B 71 2.61 48.68 15.84
C SER B 71 2.82 49.28 17.22
N PHE B 72 4.07 49.54 17.58
CA PHE B 72 4.40 50.13 18.88
C PHE B 72 3.57 51.39 19.11
N LYS B 73 3.13 51.60 20.35
CA LYS B 73 2.35 52.80 20.65
C LYS B 73 3.35 53.95 20.66
N GLU B 74 4.46 53.74 21.39
CA GLU B 74 5.54 54.72 21.47
C GLU B 74 6.63 54.19 20.54
N ALA B 75 6.91 54.92 19.48
CA ALA B 75 7.89 54.53 18.48
C ALA B 75 9.34 54.43 18.91
N LYS B 76 10.06 53.50 18.28
CA LYS B 76 11.48 53.29 18.53
C LYS B 76 12.20 53.38 17.19
N ILE B 77 12.31 54.59 16.69
CA ILE B 77 12.94 54.91 15.41
C ILE B 77 14.34 54.33 15.25
N GLU B 78 15.20 54.63 16.22
CA GLU B 78 16.58 54.16 16.19
C GLU B 78 16.66 52.64 16.17
N GLU B 79 15.95 52.01 17.10
CA GLU B 79 15.95 50.56 17.18
C GLU B 79 15.34 50.01 15.88
N HIS B 80 14.42 50.80 15.33
CA HIS B 80 13.74 50.46 14.09
C HIS B 80 14.74 50.51 12.94
N LEU B 81 15.40 51.66 12.79
CA LEU B 81 16.39 51.84 11.73
C LEU B 81 17.46 50.75 11.84
N ALA B 82 17.94 50.54 13.06
CA ALA B 82 18.97 49.53 13.30
C ALA B 82 18.59 48.16 12.73
N ARG B 83 17.39 47.71 13.10
CA ARG B 83 16.88 46.42 12.64
C ARG B 83 16.80 46.38 11.11
N LEU B 84 16.31 47.47 10.51
CA LEU B 84 16.20 47.57 9.06
C LEU B 84 17.56 47.35 8.40
N GLU B 85 18.55 48.07 8.90
CA GLU B 85 19.91 47.98 8.40
C GLU B 85 20.45 46.57 8.57
N ALA B 86 20.19 45.99 9.73
CA ALA B 86 20.66 44.64 10.06
C ALA B 86 20.03 43.58 9.17
N VAL B 87 18.70 43.65 9.03
CA VAL B 87 17.99 42.68 8.20
C VAL B 87 18.46 42.73 6.74
N THR B 88 18.67 43.96 6.24
CA THR B 88 19.14 44.19 4.87
C THR B 88 20.51 43.54 4.70
N LYS B 89 21.41 43.83 5.64
CA LYS B 89 22.74 43.27 5.57
C LYS B 89 22.74 41.75 5.69
N GLU B 90 21.90 41.22 6.57
CA GLU B 90 21.85 39.77 6.75
C GLU B 90 21.38 39.06 5.48
N ILE B 91 20.31 39.57 4.89
CA ILE B 91 19.76 38.97 3.66
C ILE B 91 20.79 39.10 2.52
N GLU B 92 21.39 40.29 2.37
CA GLU B 92 22.39 40.54 1.34
C GLU B 92 23.62 39.63 1.44
N THR B 93 24.01 39.30 2.67
CA THR B 93 25.18 38.46 2.88
C THR B 93 24.87 36.98 3.07
N THR B 94 23.67 36.68 3.57
CA THR B 94 23.28 35.28 3.82
C THR B 94 22.28 34.74 2.82
N GLY B 95 21.45 35.62 2.27
CA GLY B 95 20.45 35.20 1.32
C GLY B 95 19.15 34.94 2.06
N THR B 96 19.15 35.23 3.35
CA THR B 96 17.97 35.04 4.19
C THR B 96 18.24 35.70 5.54
N TYR B 97 17.31 35.53 6.47
CA TYR B 97 17.47 36.12 7.80
C TYR B 97 16.58 35.45 8.84
N GLN B 98 16.82 35.79 10.10
CA GLN B 98 16.06 35.25 11.20
C GLN B 98 15.24 36.32 11.88
N LEU B 99 14.04 35.94 12.34
CA LEU B 99 13.14 36.85 13.03
C LEU B 99 13.43 36.82 14.53
N THR B 100 13.12 37.90 15.23
CA THR B 100 13.33 37.88 16.66
C THR B 100 12.09 37.18 17.19
N LEU B 101 12.11 36.73 18.44
CA LEU B 101 10.95 36.05 19.00
C LEU B 101 9.73 36.97 19.03
N ASP B 102 9.96 38.22 19.41
CA ASP B 102 8.87 39.21 19.48
C ASP B 102 8.28 39.49 18.10
N GLU B 103 9.10 39.41 17.06
CA GLU B 103 8.64 39.62 15.70
C GLU B 103 7.78 38.43 15.27
N LEU B 104 8.20 37.22 15.64
CA LEU B 104 7.48 36.00 15.29
C LEU B 104 6.09 35.98 15.90
N ILE B 105 6.04 36.30 17.19
CA ILE B 105 4.81 36.35 17.95
C ILE B 105 3.85 37.36 17.33
N PHE B 106 4.40 38.49 16.93
CA PHE B 106 3.63 39.55 16.29
C PHE B 106 3.08 39.07 14.96
N ALA B 107 3.93 38.37 14.22
CA ALA B 107 3.59 37.83 12.92
C ALA B 107 2.52 36.73 12.97
N THR B 108 2.55 35.87 13.99
CA THR B 108 1.57 34.80 14.11
C THR B 108 0.17 35.34 14.40
N LYS B 109 0.11 36.45 15.15
CA LYS B 109 -1.15 37.10 15.49
C LYS B 109 -1.66 37.94 14.35
N MET B 110 -0.75 38.56 13.62
CA MET B 110 -1.11 39.38 12.47
C MET B 110 -1.63 38.50 11.35
N ALA B 111 -1.02 37.33 11.20
CA ALA B 111 -1.45 36.39 10.19
C ALA B 111 -2.85 35.87 10.51
N TRP B 112 -3.18 35.82 11.80
CA TRP B 112 -4.48 35.37 12.26
C TRP B 112 -5.46 36.50 12.01
N ARG B 113 -5.04 37.71 12.38
CA ARG B 113 -5.83 38.91 12.20
C ARG B 113 -6.17 39.12 10.72
N ASN B 114 -5.28 38.65 9.84
CA ASN B 114 -5.41 38.75 8.39
C ASN B 114 -6.04 37.51 7.75
N ALA B 115 -6.59 36.61 8.55
CA ALA B 115 -7.22 35.41 7.99
C ALA B 115 -8.67 35.73 7.63
N PRO B 116 -8.93 36.00 6.34
CA PRO B 116 -10.30 36.33 5.93
C PRO B 116 -11.41 35.29 6.18
N ARG B 117 -11.05 34.01 6.27
CA ARG B 117 -12.03 32.95 6.49
C ARG B 117 -12.29 32.59 7.98
N CYS B 118 -11.69 33.34 8.90
CA CYS B 118 -11.85 33.09 10.33
C CYS B 118 -12.85 33.99 11.05
N ILE B 119 -13.92 33.39 11.56
CA ILE B 119 -14.97 34.10 12.29
C ILE B 119 -14.54 34.49 13.71
N GLY B 120 -13.58 33.76 14.28
CA GLY B 120 -13.14 34.03 15.64
C GLY B 120 -12.01 35.02 15.87
N ARG B 121 -11.69 35.82 14.86
CA ARG B 121 -10.59 36.77 14.95
C ARG B 121 -10.61 37.87 16.02
N ILE B 122 -11.68 37.97 16.80
CA ILE B 122 -11.70 39.01 17.83
C ILE B 122 -10.72 38.63 18.94
N GLN B 123 -10.27 37.38 18.90
CA GLN B 123 -9.34 36.80 19.86
C GLN B 123 -7.91 36.82 19.33
N TRP B 124 -7.71 37.41 18.16
CA TRP B 124 -6.41 37.42 17.52
C TRP B 124 -5.21 37.77 18.40
N SER B 125 -5.38 38.62 19.40
CA SER B 125 -4.25 39.00 20.24
C SER B 125 -4.02 38.05 21.44
N ASN B 126 -4.86 37.04 21.57
CA ASN B 126 -4.71 36.07 22.66
C ASN B 126 -4.29 34.76 22.04
N LEU B 127 -3.01 34.66 21.76
CA LEU B 127 -2.44 33.48 21.14
C LEU B 127 -1.13 33.08 21.81
N GLN B 128 -1.03 31.81 22.18
CA GLN B 128 0.17 31.27 22.80
C GLN B 128 1.10 30.81 21.69
N VAL B 129 2.32 31.33 21.67
CA VAL B 129 3.28 30.94 20.64
C VAL B 129 4.33 30.01 21.21
N PHE B 130 4.54 28.87 20.57
CA PHE B 130 5.55 27.92 21.00
C PHE B 130 6.63 27.92 19.93
N ASP B 131 7.82 28.39 20.30
CA ASP B 131 8.93 28.49 19.35
C ASP B 131 9.76 27.22 19.16
N ALA B 132 9.37 26.40 18.19
CA ALA B 132 10.10 25.17 17.92
C ALA B 132 11.02 25.33 16.72
N ARG B 133 11.48 26.57 16.49
CA ARG B 133 12.35 26.86 15.35
C ARG B 133 13.72 26.17 15.43
N ASN B 134 14.00 25.64 16.62
CA ASN B 134 15.25 24.94 16.93
C ASN B 134 15.18 23.45 16.57
N CYS B 135 13.95 22.92 16.51
CA CYS B 135 13.69 21.51 16.21
C CYS B 135 14.54 20.99 15.03
N SER B 136 14.78 19.69 15.02
CA SER B 136 15.60 19.09 13.96
C SER B 136 15.26 17.63 13.63
N THR B 137 14.47 16.99 14.50
CA THR B 137 14.10 15.60 14.25
C THR B 137 12.61 15.39 14.39
N ALA B 138 12.12 14.29 13.81
CA ALA B 138 10.70 13.96 13.86
C ALA B 138 10.24 13.74 15.31
N GLN B 139 11.06 13.03 16.08
CA GLN B 139 10.76 12.77 17.48
C GLN B 139 10.60 14.07 18.26
N GLU B 140 11.42 15.06 17.91
CA GLU B 140 11.39 16.35 18.57
C GLU B 140 10.12 17.12 18.21
N MET B 141 9.63 16.92 16.98
CA MET B 141 8.40 17.57 16.52
C MET B 141 7.26 16.94 17.30
N PHE B 142 7.21 15.62 17.27
CA PHE B 142 6.19 14.85 17.97
C PHE B 142 6.09 15.30 19.43
N GLN B 143 7.24 15.58 20.04
CA GLN B 143 7.30 16.04 21.42
C GLN B 143 6.70 17.43 21.50
N HIS B 144 6.99 18.25 20.49
CA HIS B 144 6.51 19.62 20.45
C HIS B 144 5.00 19.69 20.24
N ILE B 145 4.51 18.82 19.36
CA ILE B 145 3.08 18.74 19.04
C ILE B 145 2.30 18.25 20.26
N CYS B 146 2.90 17.34 21.01
CA CYS B 146 2.25 16.81 22.21
C CYS B 146 2.12 17.90 23.26
N ARG B 147 3.16 18.70 23.42
CA ARG B 147 3.14 19.79 24.40
C ARG B 147 2.03 20.77 24.01
N HIS B 148 1.86 20.95 22.71
CA HIS B 148 0.86 21.84 22.17
C HIS B 148 -0.54 21.33 22.51
N ILE B 149 -0.83 20.10 22.09
CA ILE B 149 -2.14 19.48 22.34
C ILE B 149 -2.48 19.55 23.82
N LEU B 150 -1.49 19.29 24.66
CA LEU B 150 -1.65 19.31 26.10
C LEU B 150 -1.93 20.73 26.60
N TYR B 151 -1.17 21.71 26.11
CA TYR B 151 -1.36 23.09 26.56
C TYR B 151 -2.69 23.62 26.10
N ALA B 152 -2.97 23.37 24.82
CA ALA B 152 -4.20 23.81 24.18
C ALA B 152 -5.48 23.19 24.73
N THR B 153 -5.48 21.88 24.97
CA THR B 153 -6.67 21.21 25.49
C THR B 153 -6.99 21.71 26.89
N ASN B 154 -5.97 21.81 27.71
CA ASN B 154 -6.11 22.32 29.07
C ASN B 154 -7.32 21.77 29.83
N ASN B 155 -7.57 20.47 29.68
CA ASN B 155 -8.66 19.79 30.37
C ASN B 155 -10.04 20.31 29.98
N GLY B 156 -10.23 20.64 28.71
CA GLY B 156 -11.52 21.14 28.28
C GLY B 156 -11.63 22.65 28.17
N ASN B 157 -10.82 23.38 28.95
CA ASN B 157 -10.83 24.84 28.91
C ASN B 157 -9.80 25.26 27.88
N ILE B 158 -10.17 25.09 26.61
CA ILE B 158 -9.33 25.36 25.45
C ILE B 158 -8.63 26.71 25.37
N ARG B 159 -7.35 26.64 25.01
CA ARG B 159 -6.50 27.81 24.85
C ARG B 159 -5.94 27.86 23.42
N SER B 160 -5.98 29.03 22.78
CA SER B 160 -5.45 29.16 21.42
C SER B 160 -3.93 29.15 21.47
N ALA B 161 -3.31 28.39 20.58
CA ALA B 161 -1.85 28.30 20.56
C ALA B 161 -1.34 27.93 19.18
N ILE B 162 -0.05 28.13 18.98
CA ILE B 162 0.56 27.78 17.71
C ILE B 162 2.01 27.36 17.96
N THR B 163 2.48 26.37 17.20
CA THR B 163 3.84 25.88 17.32
C THR B 163 4.59 26.14 16.01
N VAL B 164 5.58 27.01 16.06
CA VAL B 164 6.34 27.37 14.88
C VAL B 164 7.62 26.56 14.73
N PHE B 165 7.68 25.79 13.66
CA PHE B 165 8.83 24.95 13.35
C PHE B 165 9.79 25.68 12.41
N PRO B 166 11.00 25.11 12.19
CA PRO B 166 11.98 25.75 11.32
C PRO B 166 11.43 26.27 9.98
N GLN B 167 11.74 27.54 9.69
CA GLN B 167 11.32 28.16 8.45
C GLN B 167 11.96 27.45 7.28
N ARG B 168 11.36 27.56 6.11
CA ARG B 168 11.89 26.92 4.92
C ARG B 168 13.21 27.59 4.55
N SER B 169 14.13 26.81 3.97
CA SER B 169 15.43 27.32 3.57
C SER B 169 15.58 27.32 2.04
N ASP B 170 16.07 26.20 1.52
CA ASP B 170 16.30 26.03 0.09
C ASP B 170 15.11 25.29 -0.52
N GLY B 171 14.09 25.08 0.31
CA GLY B 171 12.89 24.40 -0.15
C GLY B 171 13.11 22.91 -0.23
N LYS B 172 14.30 22.44 0.13
CA LYS B 172 14.59 21.02 0.07
C LYS B 172 14.66 20.35 1.44
N HIS B 173 14.49 21.14 2.50
CA HIS B 173 14.53 20.63 3.87
C HIS B 173 13.34 21.10 4.69
N ASP B 174 12.15 21.00 4.09
CA ASP B 174 10.91 21.42 4.73
C ASP B 174 10.46 20.56 5.91
N PHE B 175 9.90 21.21 6.92
CA PHE B 175 9.33 20.53 8.07
C PHE B 175 7.86 20.54 7.65
N ARG B 176 7.20 19.38 7.66
CA ARG B 176 5.80 19.31 7.24
C ARG B 176 4.97 18.27 7.97
N LEU B 177 3.78 18.68 8.42
CA LEU B 177 2.87 17.74 9.06
C LEU B 177 1.98 17.29 7.92
N TRP B 178 1.98 16.00 7.63
CA TRP B 178 1.17 15.46 6.54
C TRP B 178 -0.30 15.34 6.93
N ASN B 179 -0.63 15.76 8.15
CA ASN B 179 -2.00 15.75 8.65
C ASN B 179 -2.72 17.04 8.29
N SER B 180 -4.04 16.97 8.14
CA SER B 180 -4.83 18.15 7.84
C SER B 180 -5.08 18.88 9.16
N GLN B 181 -5.28 18.09 10.22
CA GLN B 181 -5.50 18.60 11.56
C GLN B 181 -4.74 17.71 12.51
N LEU B 182 -4.26 18.28 13.61
CA LEU B 182 -3.52 17.51 14.61
C LEU B 182 -4.30 16.24 14.95
N ILE B 183 -5.53 16.43 15.43
CA ILE B 183 -6.39 15.31 15.80
C ILE B 183 -7.51 15.14 14.77
N ARG B 184 -7.66 13.94 14.26
CA ARG B 184 -8.72 13.71 13.30
C ARG B 184 -9.00 12.23 13.15
N TYR B 185 -10.23 11.89 12.75
CA TYR B 185 -10.62 10.48 12.59
C TYR B 185 -10.30 9.89 11.23
N ALA B 186 -9.98 8.58 11.25
CA ALA B 186 -9.65 7.81 10.05
C ALA B 186 -10.90 7.44 9.28
N GLY B 187 -10.75 7.35 7.96
CA GLY B 187 -11.85 6.98 7.09
C GLY B 187 -11.43 5.74 6.29
N TYR B 188 -12.27 4.71 6.30
CA TYR B 188 -11.98 3.45 5.61
C TYR B 188 -12.99 3.13 4.55
N GLN B 189 -12.52 2.75 3.38
CA GLN B 189 -13.37 2.37 2.26
C GLN B 189 -13.53 0.86 2.33
N MET B 190 -14.58 0.40 3.00
CA MET B 190 -14.86 -1.03 3.16
C MET B 190 -15.02 -1.82 1.86
N PRO B 191 -14.81 -3.14 1.91
CA PRO B 191 -14.93 -3.99 0.73
C PRO B 191 -16.34 -3.90 0.16
N ASP B 192 -17.32 -3.83 1.07
CA ASP B 192 -18.73 -3.74 0.71
C ASP B 192 -19.11 -2.42 0.07
N GLY B 193 -18.12 -1.76 -0.55
CA GLY B 193 -18.35 -0.48 -1.20
C GLY B 193 -18.59 0.64 -0.19
N THR B 194 -19.24 0.29 0.91
CA THR B 194 -19.56 1.22 1.99
C THR B 194 -18.32 1.95 2.49
N ILE B 195 -18.53 2.96 3.33
CA ILE B 195 -17.43 3.73 3.90
C ILE B 195 -17.60 3.91 5.40
N ARG B 196 -16.58 3.53 6.16
CA ARG B 196 -16.63 3.64 7.61
C ARG B 196 -15.72 4.77 8.10
N GLY B 197 -16.18 5.50 9.11
CA GLY B 197 -15.40 6.61 9.65
C GLY B 197 -15.66 7.90 8.89
N ASP B 198 -14.65 8.77 8.82
CA ASP B 198 -14.78 10.04 8.12
C ASP B 198 -14.30 9.93 6.69
N ALA B 199 -15.25 10.04 5.76
CA ALA B 199 -14.97 9.94 4.34
C ALA B 199 -13.97 11.00 3.85
N ALA B 200 -13.90 12.13 4.55
CA ALA B 200 -12.99 13.21 4.18
C ALA B 200 -11.51 12.87 4.32
N THR B 201 -11.19 11.87 5.14
CA THR B 201 -9.80 11.47 5.35
C THR B 201 -9.44 10.10 4.77
N LEU B 202 -10.19 9.64 3.77
CA LEU B 202 -9.93 8.35 3.14
C LEU B 202 -8.54 8.26 2.50
N GLU B 203 -8.14 9.30 1.76
CA GLU B 203 -6.84 9.28 1.09
C GLU B 203 -5.66 9.24 2.05
N PHE B 204 -5.69 10.11 3.06
CA PHE B 204 -4.61 10.17 4.05
C PHE B 204 -4.57 8.90 4.89
N THR B 205 -5.73 8.42 5.34
CA THR B 205 -5.80 7.20 6.14
C THR B 205 -5.11 6.07 5.40
N GLN B 206 -5.26 6.05 4.08
CA GLN B 206 -4.64 5.03 3.25
C GLN B 206 -3.12 5.23 3.28
N LEU B 207 -2.70 6.49 3.18
CA LEU B 207 -1.27 6.82 3.23
C LEU B 207 -0.70 6.33 4.54
N CYS B 208 -1.44 6.57 5.61
CA CYS B 208 -1.03 6.14 6.93
C CYS B 208 -0.85 4.63 6.96
N ILE B 209 -1.80 3.93 6.36
CA ILE B 209 -1.73 2.48 6.32
C ILE B 209 -0.52 2.03 5.50
N ASP B 210 -0.24 2.72 4.40
CA ASP B 210 0.91 2.38 3.57
C ASP B 210 2.19 2.62 4.36
N LEU B 211 2.12 3.49 5.35
CA LEU B 211 3.30 3.78 6.15
C LEU B 211 3.42 2.91 7.40
N GLY B 212 2.68 1.80 7.45
CA GLY B 212 2.80 0.91 8.59
C GLY B 212 1.84 1.08 9.74
N TRP B 213 0.99 2.10 9.71
CA TRP B 213 0.02 2.31 10.79
C TRP B 213 -1.01 1.16 10.71
N LYS B 214 -1.46 0.68 11.86
CA LYS B 214 -2.44 -0.41 11.92
C LYS B 214 -3.86 0.14 11.95
N PRO B 215 -4.62 -0.12 10.87
CA PRO B 215 -6.02 0.33 10.73
C PRO B 215 -7.01 -0.39 11.63
N ARG B 216 -7.56 0.33 12.61
CA ARG B 216 -8.53 -0.25 13.54
C ARG B 216 -9.95 -0.39 12.98
N TYR B 217 -10.16 0.06 11.75
CA TYR B 217 -11.45 -0.02 11.06
C TYR B 217 -12.72 0.39 11.82
N GLY B 218 -12.60 1.31 12.78
CA GLY B 218 -13.76 1.76 13.54
C GLY B 218 -14.38 3.02 12.93
N ARG B 219 -15.36 3.62 13.60
CA ARG B 219 -16.00 4.82 13.06
C ARG B 219 -15.35 6.11 13.57
N PHE B 220 -14.63 6.01 14.68
CA PHE B 220 -13.96 7.17 15.26
C PHE B 220 -12.54 6.84 15.72
N ASP B 221 -11.70 6.35 14.81
CA ASP B 221 -10.31 6.03 15.16
C ASP B 221 -9.39 7.23 14.94
N VAL B 222 -8.86 7.80 16.01
CA VAL B 222 -7.95 8.93 15.88
C VAL B 222 -6.77 8.53 14.99
N LEU B 223 -6.43 9.39 14.04
CA LEU B 223 -5.33 9.12 13.12
C LEU B 223 -3.97 9.40 13.72
N PRO B 224 -2.91 8.78 13.16
CA PRO B 224 -1.58 9.02 13.68
C PRO B 224 -1.00 10.33 13.16
N LEU B 225 0.01 10.84 13.85
CA LEU B 225 0.71 12.05 13.43
C LEU B 225 1.72 11.55 12.38
N VAL B 226 1.82 12.22 11.24
CA VAL B 226 2.78 11.84 10.21
C VAL B 226 3.66 13.06 10.05
N LEU B 227 4.89 12.97 10.58
CA LEU B 227 5.80 14.11 10.58
C LEU B 227 7.05 14.04 9.70
N GLN B 228 7.33 15.17 9.04
CA GLN B 228 8.45 15.32 8.14
C GLN B 228 9.38 16.41 8.67
N ALA B 229 10.60 16.01 9.02
CA ALA B 229 11.59 16.96 9.55
C ALA B 229 12.79 17.10 8.60
N ASP B 230 13.26 18.32 8.45
CA ASP B 230 14.40 18.59 7.59
C ASP B 230 14.30 17.81 6.28
N GLY B 231 13.22 18.03 5.54
CA GLY B 231 13.02 17.36 4.27
C GLY B 231 13.13 15.86 4.29
N GLN B 232 13.22 15.25 5.47
CA GLN B 232 13.33 13.80 5.55
C GLN B 232 12.00 13.14 5.20
N ASP B 233 11.99 11.82 5.09
CA ASP B 233 10.75 11.12 4.80
C ASP B 233 9.89 11.19 6.04
N PRO B 234 8.56 11.05 5.88
CA PRO B 234 7.64 11.10 7.02
C PRO B 234 7.69 9.92 7.99
N GLU B 235 7.58 10.24 9.28
CA GLU B 235 7.57 9.24 10.35
C GLU B 235 6.22 9.28 11.05
N VAL B 236 5.60 8.10 11.22
CA VAL B 236 4.29 8.01 11.87
C VAL B 236 4.40 7.97 13.40
N PHE B 237 3.51 8.70 14.07
CA PHE B 237 3.50 8.74 15.53
C PHE B 237 2.09 8.68 16.11
N GLU B 238 1.85 7.70 16.96
CA GLU B 238 0.54 7.55 17.59
C GLU B 238 0.43 8.64 18.65
N ILE B 239 -0.69 9.35 18.66
CA ILE B 239 -0.90 10.39 19.64
C ILE B 239 -1.32 9.77 20.96
N PRO B 240 -0.59 10.07 22.05
CA PRO B 240 -0.95 9.51 23.36
C PRO B 240 -2.44 9.72 23.67
N PRO B 241 -3.22 8.62 23.72
CA PRO B 241 -4.66 8.62 23.99
C PRO B 241 -5.09 9.53 25.12
N ASP B 242 -4.27 9.62 26.15
CA ASP B 242 -4.59 10.47 27.29
C ASP B 242 -4.59 11.93 26.86
N LEU B 243 -3.96 12.23 25.74
CA LEU B 243 -3.88 13.60 25.23
C LEU B 243 -5.09 14.04 24.41
N VAL B 244 -5.77 13.08 23.79
CA VAL B 244 -6.94 13.38 22.97
C VAL B 244 -8.25 13.40 23.78
N LEU B 245 -8.79 14.59 24.00
CA LEU B 245 -10.05 14.77 24.73
C LEU B 245 -11.22 14.72 23.77
N GLU B 246 -12.16 13.82 24.03
CA GLU B 246 -13.33 13.64 23.18
C GLU B 246 -14.65 13.87 23.91
N VAL B 247 -15.62 14.43 23.19
CA VAL B 247 -16.93 14.71 23.76
C VAL B 247 -17.96 13.74 23.17
N THR B 248 -18.60 12.97 24.05
CA THR B 248 -19.63 12.02 23.62
C THR B 248 -20.94 12.79 23.48
N MET B 249 -21.59 12.65 22.32
CA MET B 249 -22.81 13.38 22.03
C MET B 249 -24.10 12.85 22.63
N GLU B 250 -24.89 13.77 23.19
CA GLU B 250 -26.16 13.41 23.78
C GLU B 250 -27.11 14.60 23.74
N HIS B 251 -28.38 14.34 23.45
CA HIS B 251 -29.39 15.40 23.39
C HIS B 251 -30.06 15.57 24.75
N PRO B 252 -30.31 16.83 25.15
CA PRO B 252 -30.95 17.18 26.42
C PRO B 252 -32.40 16.73 26.59
N LYS B 253 -33.02 16.28 25.50
CA LYS B 253 -34.42 15.84 25.56
C LYS B 253 -34.58 14.46 24.94
N TYR B 254 -33.85 14.20 23.86
CA TYR B 254 -33.94 12.92 23.17
C TYR B 254 -32.94 11.92 23.72
N GLU B 255 -33.46 11.00 24.54
CA GLU B 255 -32.64 9.96 25.16
C GLU B 255 -32.03 9.02 24.15
N TRP B 256 -32.66 8.90 22.98
CA TRP B 256 -32.17 8.02 21.94
C TRP B 256 -30.96 8.59 21.22
N PHE B 257 -30.68 9.87 21.43
CA PHE B 257 -29.54 10.50 20.76
C PHE B 257 -28.24 9.80 21.11
N GLN B 258 -28.10 9.42 22.37
CA GLN B 258 -26.90 8.74 22.85
C GLN B 258 -26.74 7.42 22.10
N GLU B 259 -27.88 6.82 21.74
CA GLU B 259 -27.89 5.55 21.01
C GLU B 259 -27.26 5.64 19.62
N LEU B 260 -27.10 6.86 19.13
CA LEU B 260 -26.49 7.08 17.81
C LEU B 260 -25.02 6.73 17.87
N GLY B 261 -24.43 6.88 19.05
CA GLY B 261 -23.02 6.56 19.25
C GLY B 261 -22.07 7.57 18.65
N LEU B 262 -22.41 8.85 18.81
CA LEU B 262 -21.61 9.92 18.26
C LEU B 262 -20.68 10.55 19.29
N LYS B 263 -19.53 11.00 18.80
CA LYS B 263 -18.51 11.62 19.62
C LYS B 263 -17.68 12.51 18.71
N TRP B 264 -16.88 13.38 19.30
CA TRP B 264 -16.02 14.23 18.51
C TRP B 264 -14.92 14.80 19.39
N TYR B 265 -13.75 15.06 18.81
CA TYR B 265 -12.66 15.63 19.57
C TYR B 265 -12.91 17.11 19.91
N ALA B 266 -12.41 17.51 21.06
CA ALA B 266 -12.57 18.87 21.55
C ALA B 266 -11.65 19.89 20.88
N LEU B 267 -10.49 19.44 20.42
CA LEU B 267 -9.49 20.33 19.84
C LEU B 267 -9.40 20.46 18.32
N PRO B 268 -9.76 21.65 17.77
CA PRO B 268 -9.68 21.84 16.31
C PRO B 268 -8.32 22.48 16.07
N ALA B 269 -7.39 21.74 15.47
CA ALA B 269 -6.06 22.27 15.21
C ALA B 269 -5.60 22.03 13.79
N VAL B 270 -5.53 23.12 13.02
CA VAL B 270 -5.10 23.07 11.62
C VAL B 270 -3.61 22.77 11.63
N ALA B 271 -3.22 21.73 10.90
CA ALA B 271 -1.84 21.31 10.87
C ALA B 271 -1.13 21.38 9.53
N ASN B 272 -1.83 21.76 8.47
CA ASN B 272 -1.18 21.77 7.17
C ASN B 272 -1.01 23.10 6.44
N MET B 273 -1.18 24.22 7.13
CA MET B 273 -1.03 25.51 6.49
C MET B 273 0.36 26.10 6.64
N LEU B 274 0.66 27.09 5.80
CA LEU B 274 1.96 27.75 5.79
C LEU B 274 1.86 29.23 6.22
N LEU B 275 2.75 29.63 7.12
CA LEU B 275 2.77 31.00 7.61
C LEU B 275 3.84 31.75 6.83
N GLU B 276 3.46 32.91 6.32
CA GLU B 276 4.36 33.73 5.56
C GLU B 276 4.52 35.04 6.32
N VAL B 277 5.76 35.50 6.45
CA VAL B 277 6.06 36.74 7.13
C VAL B 277 7.36 37.30 6.60
N GLY B 278 7.31 38.55 6.12
CA GLY B 278 8.50 39.20 5.59
C GLY B 278 9.32 38.40 4.60
N GLY B 279 8.65 37.72 3.68
CA GLY B 279 9.35 36.93 2.69
C GLY B 279 9.67 35.51 3.14
N LEU B 280 9.73 35.30 4.46
CA LEU B 280 10.00 33.98 5.02
C LEU B 280 8.75 33.11 4.95
N GLU B 281 8.95 31.80 4.84
CA GLU B 281 7.84 30.84 4.79
C GLU B 281 8.05 29.74 5.82
N PHE B 282 7.02 29.45 6.62
CA PHE B 282 7.09 28.39 7.62
C PHE B 282 6.08 27.32 7.24
N PRO B 283 6.51 26.31 6.46
CA PRO B 283 5.60 25.24 6.04
C PRO B 283 5.08 24.30 7.12
N ALA B 284 5.48 24.52 8.37
CA ALA B 284 5.01 23.69 9.48
C ALA B 284 4.77 24.55 10.70
N CYS B 285 3.51 24.86 10.96
CA CYS B 285 3.14 25.67 12.11
C CYS B 285 1.71 25.37 12.60
N PRO B 286 1.53 24.22 13.28
CA PRO B 286 0.21 23.87 13.77
C PRO B 286 -0.34 24.95 14.70
N PHE B 287 -1.64 25.24 14.54
CA PHE B 287 -2.31 26.22 15.38
C PHE B 287 -3.73 25.74 15.70
N ASN B 288 -4.30 26.29 16.78
CA ASN B 288 -5.65 25.89 17.16
C ASN B 288 -6.36 26.97 17.94
N GLY B 289 -7.68 26.80 18.02
CA GLY B 289 -8.53 27.70 18.77
C GLY B 289 -9.58 26.75 19.31
N TRP B 290 -10.82 27.20 19.39
CA TRP B 290 -11.87 26.31 19.86
C TRP B 290 -12.97 26.21 18.81
N TYR B 291 -13.80 25.18 18.94
CA TYR B 291 -14.88 24.91 18.01
C TYR B 291 -16.07 25.87 18.01
N MET B 292 -16.71 25.93 16.86
CA MET B 292 -17.94 26.67 16.70
C MET B 292 -18.89 25.50 16.48
N GLY B 293 -19.95 25.43 17.27
CA GLY B 293 -20.88 24.32 17.16
C GLY B 293 -21.23 23.73 15.79
N THR B 294 -21.53 24.61 14.84
CA THR B 294 -21.92 24.21 13.49
C THR B 294 -20.86 23.40 12.73
N GLU B 295 -19.60 23.51 13.14
CA GLU B 295 -18.51 22.79 12.47
C GLU B 295 -18.75 21.29 12.64
N ILE B 296 -19.12 20.89 13.85
CA ILE B 296 -19.41 19.49 14.15
C ILE B 296 -20.89 19.20 13.85
N GLY B 297 -21.77 19.99 14.44
CA GLY B 297 -23.19 19.79 14.24
C GLY B 297 -23.68 19.71 12.80
N VAL B 298 -23.34 20.72 11.99
CA VAL B 298 -23.83 20.77 10.62
C VAL B 298 -22.91 20.11 9.60
N ARG B 299 -21.65 20.52 9.58
CA ARG B 299 -20.71 19.99 8.60
C ARG B 299 -20.16 18.57 8.84
N ASP B 300 -19.49 18.34 9.96
CA ASP B 300 -18.92 17.02 10.23
C ASP B 300 -19.96 15.88 10.31
N PHE B 301 -21.08 16.16 10.96
CA PHE B 301 -22.13 15.16 11.10
C PHE B 301 -23.13 15.05 9.95
N CYS B 302 -23.61 16.20 9.45
CA CYS B 302 -24.62 16.18 8.39
C CYS B 302 -24.14 16.24 6.94
N ASP B 303 -22.92 16.68 6.71
CA ASP B 303 -22.43 16.75 5.34
C ASP B 303 -22.57 15.38 4.68
N THR B 304 -23.05 15.36 3.44
CA THR B 304 -23.19 14.09 2.72
C THR B 304 -21.83 13.42 2.58
N GLN B 305 -20.80 14.23 2.37
CA GLN B 305 -19.42 13.74 2.22
C GLN B 305 -18.69 13.49 3.53
N ARG B 306 -19.40 13.61 4.66
CA ARG B 306 -18.82 13.38 5.97
C ARG B 306 -19.57 12.26 6.70
N TYR B 307 -20.08 12.51 7.90
CA TYR B 307 -20.79 11.45 8.61
C TYR B 307 -22.24 11.21 8.18
N ASN B 308 -22.82 12.18 7.48
CA ASN B 308 -24.17 12.04 6.94
C ASN B 308 -25.24 11.40 7.83
N ILE B 309 -25.38 11.89 9.06
CA ILE B 309 -26.34 11.32 10.00
C ILE B 309 -27.72 11.99 9.97
N LEU B 310 -27.95 12.90 9.03
CA LEU B 310 -29.21 13.64 8.98
C LEU B 310 -30.46 12.79 8.81
N GLU B 311 -30.45 11.84 7.89
CA GLU B 311 -31.62 10.99 7.66
C GLU B 311 -31.97 10.17 8.92
N GLU B 312 -30.96 9.56 9.53
CA GLU B 312 -31.12 8.76 10.73
C GLU B 312 -31.83 9.55 11.83
N VAL B 313 -31.34 10.76 12.07
CA VAL B 313 -31.89 11.65 13.09
C VAL B 313 -33.33 12.06 12.75
N GLY B 314 -33.59 12.25 11.45
CA GLY B 314 -34.91 12.65 11.01
C GLY B 314 -35.90 11.53 11.26
N ARG B 315 -35.46 10.30 11.05
CA ARG B 315 -36.29 9.12 11.26
C ARG B 315 -36.62 8.92 12.73
N ARG B 316 -35.61 9.04 13.60
CA ARG B 316 -35.82 8.88 15.02
C ARG B 316 -36.65 10.00 15.63
N MET B 317 -36.91 11.03 14.84
CA MET B 317 -37.71 12.16 15.31
C MET B 317 -39.12 11.99 14.75
N GLY B 318 -39.29 10.95 13.93
CA GLY B 318 -40.57 10.64 13.32
C GLY B 318 -41.05 11.65 12.31
N LEU B 319 -40.12 12.32 11.65
CA LEU B 319 -40.48 13.33 10.67
C LEU B 319 -40.71 12.72 9.29
N GLU B 320 -41.33 13.49 8.39
CA GLU B 320 -41.64 13.02 7.04
C GLU B 320 -40.39 13.03 6.17
N THR B 321 -39.45 12.15 6.49
CA THR B 321 -38.19 12.04 5.76
C THR B 321 -38.29 11.92 4.25
N HIS B 322 -39.41 11.43 3.74
CA HIS B 322 -39.53 11.27 2.30
C HIS B 322 -40.25 12.42 1.62
N THR B 323 -40.62 13.44 2.37
CA THR B 323 -41.29 14.62 1.82
C THR B 323 -40.37 15.81 2.09
N LEU B 324 -39.49 16.10 1.13
CA LEU B 324 -38.54 17.19 1.23
C LEU B 324 -39.16 18.52 1.67
N ALA B 325 -40.30 18.86 1.10
CA ALA B 325 -41.00 20.11 1.42
C ALA B 325 -41.44 20.25 2.88
N SER B 326 -41.29 19.21 3.68
CA SER B 326 -41.71 19.25 5.09
C SER B 326 -40.71 20.00 5.98
N LEU B 327 -39.53 20.27 5.44
CA LEU B 327 -38.46 20.98 6.16
C LEU B 327 -37.92 20.16 7.33
N TRP B 328 -37.93 18.83 7.19
CA TRP B 328 -37.43 17.98 8.26
C TRP B 328 -35.94 18.15 8.47
N LYS B 329 -35.20 18.32 7.38
CA LYS B 329 -33.76 18.51 7.47
C LYS B 329 -33.49 19.71 8.37
N ASP B 330 -34.35 20.72 8.21
CA ASP B 330 -34.29 21.96 8.99
C ASP B 330 -34.49 21.64 10.47
N ARG B 331 -35.47 20.80 10.76
CA ARG B 331 -35.79 20.41 12.13
C ARG B 331 -34.68 19.55 12.74
N ALA B 332 -34.28 18.52 12.01
CA ALA B 332 -33.24 17.60 12.46
C ALA B 332 -31.94 18.33 12.75
N VAL B 333 -31.39 18.93 11.72
CA VAL B 333 -30.13 19.63 11.87
C VAL B 333 -30.07 20.55 13.10
N THR B 334 -31.21 21.12 13.50
CA THR B 334 -31.20 21.99 14.67
C THR B 334 -31.09 21.17 15.95
N GLU B 335 -31.71 19.99 15.96
CA GLU B 335 -31.61 19.15 17.15
C GLU B 335 -30.17 18.70 17.33
N ILE B 336 -29.52 18.35 16.22
CA ILE B 336 -28.13 17.94 16.26
C ILE B 336 -27.24 19.08 16.77
N ASN B 337 -27.54 20.31 16.34
CA ASN B 337 -26.77 21.46 16.78
C ASN B 337 -26.92 21.67 18.28
N VAL B 338 -28.11 21.35 18.79
CA VAL B 338 -28.40 21.49 20.21
C VAL B 338 -27.65 20.42 21.03
N ALA B 339 -27.63 19.20 20.49
CA ALA B 339 -26.95 18.09 21.12
C ALA B 339 -25.47 18.39 21.30
N VAL B 340 -24.84 18.87 20.23
CA VAL B 340 -23.43 19.20 20.23
C VAL B 340 -23.07 20.27 21.26
N LEU B 341 -23.79 21.39 21.27
CA LEU B 341 -23.51 22.46 22.22
C LEU B 341 -23.73 21.96 23.63
N HIS B 342 -24.84 21.26 23.81
CA HIS B 342 -25.22 20.69 25.10
C HIS B 342 -24.18 19.73 25.65
N SER B 343 -23.74 18.77 24.82
CA SER B 343 -22.74 17.78 25.21
C SER B 343 -21.41 18.45 25.63
N PHE B 344 -20.95 19.42 24.84
CA PHE B 344 -19.71 20.13 25.14
C PHE B 344 -19.82 20.89 26.45
N GLN B 345 -20.92 21.60 26.64
CA GLN B 345 -21.15 22.37 27.85
C GLN B 345 -21.22 21.50 29.09
N LYS B 346 -21.86 20.35 28.98
CA LYS B 346 -21.98 19.43 30.11
C LYS B 346 -20.61 18.90 30.48
N GLN B 347 -19.82 18.55 29.47
CA GLN B 347 -18.47 18.03 29.71
C GLN B 347 -17.46 19.13 29.95
N ASN B 348 -17.95 20.36 30.07
CA ASN B 348 -17.14 21.55 30.31
C ASN B 348 -16.03 21.83 29.30
N VAL B 349 -16.29 21.52 28.04
CA VAL B 349 -15.35 21.77 26.96
C VAL B 349 -15.79 23.05 26.28
N THR B 350 -14.85 23.97 26.11
CA THR B 350 -15.14 25.24 25.45
C THR B 350 -15.71 25.06 24.05
N ILE B 351 -16.84 25.71 23.79
CA ILE B 351 -17.50 25.66 22.48
C ILE B 351 -18.26 26.95 22.26
N MET B 352 -18.51 27.28 21.01
CA MET B 352 -19.20 28.52 20.67
C MET B 352 -20.30 28.33 19.63
N ASP B 353 -21.48 28.88 19.91
CA ASP B 353 -22.61 28.77 18.98
C ASP B 353 -22.40 29.81 17.89
N HIS B 354 -22.95 29.55 16.70
CA HIS B 354 -22.79 30.44 15.56
C HIS B 354 -23.31 31.87 15.70
N HIS B 355 -24.44 32.04 16.37
CA HIS B 355 -25.02 33.38 16.57
C HIS B 355 -24.04 34.26 17.36
N THR B 356 -23.58 33.75 18.50
CA THR B 356 -22.63 34.47 19.33
C THR B 356 -21.37 34.78 18.52
N ALA B 357 -20.92 33.78 17.77
CA ALA B 357 -19.74 33.90 16.94
C ALA B 357 -19.89 35.06 15.95
N SER B 358 -20.98 35.03 15.19
CA SER B 358 -21.26 36.07 14.20
C SER B 358 -21.30 37.45 14.83
N GLU B 359 -21.94 37.51 15.98
CA GLU B 359 -22.10 38.75 16.72
C GLU B 359 -20.77 39.27 17.23
N SER B 360 -19.88 38.36 17.63
CA SER B 360 -18.57 38.80 18.12
C SER B 360 -17.73 39.26 16.94
N PHE B 361 -17.84 38.57 15.79
CA PHE B 361 -17.07 38.99 14.61
C PHE B 361 -17.44 40.39 14.13
N MET B 362 -18.71 40.75 14.27
CA MET B 362 -19.18 42.08 13.89
C MET B 362 -18.46 43.10 14.74
N LYS B 363 -18.40 42.85 16.06
CA LYS B 363 -17.72 43.76 16.97
C LYS B 363 -16.27 43.91 16.57
N HIS B 364 -15.68 42.80 16.16
CA HIS B 364 -14.30 42.75 15.72
C HIS B 364 -14.10 43.61 14.50
N MET B 365 -14.89 43.33 13.47
CA MET B 365 -14.83 44.04 12.21
C MET B 365 -14.95 45.54 12.40
N GLN B 366 -15.82 45.94 13.32
CA GLN B 366 -16.01 47.37 13.60
C GLN B 366 -14.73 47.90 14.23
N ASN B 367 -14.16 47.14 15.16
CA ASN B 367 -12.91 47.53 15.82
C ASN B 367 -11.83 47.69 14.77
N GLU B 368 -11.79 46.75 13.84
CA GLU B 368 -10.81 46.75 12.78
C GLU B 368 -10.87 47.94 11.83
N TYR B 369 -12.07 48.43 11.54
CA TYR B 369 -12.17 49.57 10.64
C TYR B 369 -11.67 50.84 11.31
N ARG B 370 -11.92 50.96 12.61
CA ARG B 370 -11.47 52.12 13.37
C ARG B 370 -9.95 52.03 13.56
N ALA B 371 -9.49 50.82 13.89
CA ALA B 371 -8.08 50.54 14.14
C ALA B 371 -7.19 50.65 12.93
N ARG B 372 -7.65 50.14 11.79
CA ARG B 372 -6.82 50.22 10.59
C ARG B 372 -7.55 50.32 9.25
N GLY B 373 -8.78 50.82 9.31
CA GLY B 373 -9.57 51.01 8.10
C GLY B 373 -9.77 49.83 7.16
N GLY B 374 -10.27 48.71 7.69
CA GLY B 374 -10.51 47.55 6.86
C GLY B 374 -10.39 46.24 7.61
N CYS B 375 -10.92 45.18 7.01
CA CYS B 375 -10.88 43.84 7.59
C CYS B 375 -11.11 42.81 6.49
N PRO B 376 -10.05 42.09 6.08
CA PRO B 376 -10.22 41.09 5.02
C PRO B 376 -11.16 39.97 5.47
N ALA B 377 -12.33 39.94 4.84
CA ALA B 377 -13.34 38.95 5.18
C ALA B 377 -13.89 38.23 3.97
N ASP B 378 -14.05 36.91 4.11
CA ASP B 378 -14.59 36.06 3.06
C ASP B 378 -16.03 35.71 3.46
N TRP B 379 -16.97 36.56 3.07
CA TRP B 379 -18.38 36.40 3.37
C TRP B 379 -18.85 34.94 3.28
N ILE B 380 -18.40 34.23 2.24
CA ILE B 380 -18.78 32.83 1.99
C ILE B 380 -18.36 31.83 3.08
N TRP B 381 -17.31 32.14 3.82
CA TRP B 381 -16.83 31.28 4.91
C TRP B 381 -17.30 31.77 6.28
N LEU B 382 -17.48 33.09 6.40
CA LEU B 382 -17.90 33.74 7.63
C LEU B 382 -19.38 33.60 7.99
N VAL B 383 -20.21 33.26 7.01
CA VAL B 383 -21.63 33.09 7.28
C VAL B 383 -21.86 31.61 7.63
N PRO B 384 -22.44 31.32 8.82
CA PRO B 384 -22.70 29.95 9.27
C PRO B 384 -23.46 29.12 8.24
N PRO B 385 -23.16 27.81 8.17
CA PRO B 385 -23.78 26.85 7.24
C PRO B 385 -25.27 26.59 7.57
N VAL B 386 -25.80 27.38 8.50
CA VAL B 386 -27.21 27.36 8.90
C VAL B 386 -27.53 28.72 9.54
N SER B 387 -28.79 29.12 9.52
CA SER B 387 -29.22 30.38 10.13
C SER B 387 -28.58 31.62 9.47
N GLY B 388 -28.12 31.46 8.23
CA GLY B 388 -27.47 32.54 7.51
C GLY B 388 -27.96 33.96 7.78
N SER B 389 -29.13 34.30 7.23
CA SER B 389 -29.71 35.64 7.39
C SER B 389 -30.14 35.95 8.83
N ILE B 390 -30.14 34.94 9.70
CA ILE B 390 -30.51 35.13 11.09
C ILE B 390 -29.30 35.71 11.85
N THR B 391 -28.12 35.56 11.26
CA THR B 391 -26.87 36.08 11.83
C THR B 391 -26.56 37.43 11.15
N PRO B 392 -25.97 38.39 11.89
CA PRO B 392 -25.66 39.70 11.32
C PRO B 392 -24.61 39.76 10.18
N VAL B 393 -23.70 38.78 10.11
CA VAL B 393 -22.67 38.79 9.07
C VAL B 393 -23.24 38.65 7.67
N PHE B 394 -24.40 38.00 7.55
CA PHE B 394 -25.06 37.79 6.28
C PHE B 394 -25.45 39.11 5.60
N HIS B 395 -25.84 40.08 6.43
CA HIS B 395 -26.26 41.41 5.96
C HIS B 395 -25.13 42.45 5.87
N GLN B 396 -23.88 41.99 6.03
CA GLN B 396 -22.71 42.88 5.97
C GLN B 396 -21.90 42.64 4.71
N GLU B 397 -21.77 43.66 3.86
CA GLU B 397 -20.98 43.53 2.64
C GLU B 397 -19.56 43.52 3.12
N MET B 398 -18.69 42.75 2.46
CA MET B 398 -17.29 42.73 2.89
C MET B 398 -16.28 42.64 1.75
N LEU B 399 -15.04 43.00 2.06
CA LEU B 399 -13.96 42.97 1.10
C LEU B 399 -12.95 41.90 1.47
N ASN B 400 -12.69 41.00 0.54
CA ASN B 400 -11.75 39.92 0.76
C ASN B 400 -10.46 40.24 0.00
N TYR B 401 -9.32 40.04 0.65
CA TYR B 401 -8.03 40.29 0.03
C TYR B 401 -6.91 39.71 0.88
N VAL B 402 -5.79 39.39 0.25
CA VAL B 402 -4.65 38.80 0.91
C VAL B 402 -3.59 39.79 1.39
N LEU B 403 -3.40 39.89 2.71
CA LEU B 403 -2.40 40.77 3.29
C LEU B 403 -1.16 39.95 3.71
N SER B 404 -0.34 40.52 4.59
CA SER B 404 0.85 39.81 5.08
C SER B 404 1.24 40.40 6.44
N PRO B 405 1.59 39.55 7.42
CA PRO B 405 1.66 38.07 7.39
C PRO B 405 0.33 37.41 7.01
N PHE B 406 0.40 36.14 6.62
CA PHE B 406 -0.78 35.43 6.16
C PHE B 406 -0.64 33.89 6.26
N TYR B 407 -1.75 33.19 6.48
CA TYR B 407 -1.73 31.72 6.56
C TYR B 407 -2.22 31.15 5.24
N TYR B 408 -1.31 30.54 4.49
CA TYR B 408 -1.63 29.95 3.19
C TYR B 408 -1.83 28.45 3.24
N TYR B 409 -2.41 27.92 2.18
CA TYR B 409 -2.62 26.49 2.05
C TYR B 409 -1.35 25.98 1.38
N GLN B 410 -1.23 24.67 1.25
CA GLN B 410 -0.06 24.09 0.59
C GLN B 410 -0.51 22.86 -0.19
N ILE B 411 0.32 22.42 -1.13
CA ILE B 411 -0.01 21.22 -1.91
C ILE B 411 0.23 20.00 -1.03
N GLU B 412 -0.73 19.08 -1.02
CA GLU B 412 -0.61 17.88 -0.21
C GLU B 412 0.79 17.28 -0.39
N PRO B 413 1.58 17.22 0.71
CA PRO B 413 2.95 16.71 0.71
C PRO B 413 3.26 15.39 -0.01
N TRP B 414 2.41 14.38 0.11
CA TRP B 414 2.68 13.12 -0.57
C TRP B 414 2.65 13.28 -2.09
N LYS B 415 2.36 14.49 -2.56
CA LYS B 415 2.32 14.74 -3.98
C LYS B 415 3.58 15.46 -4.44
N THR B 416 4.16 16.27 -3.56
CA THR B 416 5.38 17.00 -3.87
C THR B 416 6.49 16.56 -2.89
N HIS B 417 6.80 15.28 -2.92
CA HIS B 417 7.83 14.73 -2.02
C HIS B 417 8.65 13.66 -2.72
N ILE B 418 9.94 13.91 -2.86
CA ILE B 418 10.82 12.94 -3.48
C ILE B 418 11.30 12.05 -2.33
N TRP B 419 10.86 10.78 -2.34
CA TRP B 419 11.20 9.84 -1.28
C TRP B 419 12.66 9.36 -1.29
ZN ZN C . 24.16 -33.56 1.81
CHA HEM D . 7.76 -30.64 -8.04
CHB HEM D . 4.49 -34.03 -9.27
CHC HEM D . 4.90 -32.55 -13.80
CHD HEM D . 8.83 -30.00 -12.74
C1A HEM D . 6.71 -31.53 -7.97
C2A HEM D . 5.99 -31.94 -6.76
C3A HEM D . 5.18 -32.95 -7.08
C4A HEM D . 5.31 -33.15 -8.52
CMA HEM D . 4.42 -33.82 -6.10
CAA HEM D . 6.10 -31.41 -5.35
CBA HEM D . 5.65 -29.98 -5.18
CGA HEM D . 5.64 -29.54 -3.72
O1A HEM D . 5.54 -28.32 -3.48
O2A HEM D . 5.72 -30.42 -2.83
C1B HEM D . 4.36 -34.03 -10.63
C2B HEM D . 3.34 -34.75 -11.37
C3B HEM D . 3.46 -34.37 -12.66
C4B HEM D . 4.52 -33.33 -12.71
CMB HEM D . 2.32 -35.77 -10.85
CAB HEM D . 2.73 -34.99 -13.68
CBB HEM D . 2.77 -34.77 -15.05
C1C HEM D . 5.95 -31.66 -13.87
C2C HEM D . 6.27 -30.91 -15.07
C3C HEM D . 7.45 -30.24 -14.83
C4C HEM D . 7.77 -30.58 -13.44
CMC HEM D . 5.44 -30.94 -16.37
CAC HEM D . 8.19 -29.38 -15.66
CBC HEM D . 8.19 -29.29 -17.04
C1D HEM D . 9.00 -30.03 -11.35
C2D HEM D . 9.92 -29.16 -10.61
C3D HEM D . 9.55 -29.29 -9.31
C4D HEM D . 8.44 -30.26 -9.21
CMD HEM D . 10.97 -28.20 -11.11
CAD HEM D . 10.15 -28.49 -8.17
CBD HEM D . 9.17 -27.42 -7.69
CGD HEM D . 9.65 -26.74 -6.44
O1D HEM D . 8.87 -25.98 -5.81
O2D HEM D . 10.83 -26.95 -6.08
NA HEM D . 6.25 -32.27 -9.07
NB HEM D . 5.11 -33.20 -11.47
NC HEM D . 6.84 -31.43 -12.86
ND HEM D . 8.11 -30.73 -10.49
FE HEM D . 6.82 -32.14 -10.99
N1 H4B E . 8.67 -32.38 0.04
C2 H4B E . 7.84 -31.85 -0.93
N2 H4B E . 7.40 -32.55 -1.97
N3 H4B E . 7.47 -30.53 -0.78
C4 H4B E . 7.87 -29.68 0.30
O4 H4B E . 7.45 -28.53 0.32
C4A H4B E . 8.72 -30.31 1.24
C8A H4B E . 9.13 -31.64 1.12
N5 H4B E . 9.15 -29.50 2.37
N8 H4B E . 9.93 -32.22 2.03
C6 H4B E . 10.47 -29.99 2.93
C7 H4B E . 10.42 -31.47 3.20
C9 H4B E . 10.76 -29.05 4.12
O9 H4B E . 9.72 -29.04 5.06
C10 H4B E . 12.06 -29.43 4.83
C11 H4B E . 12.36 -28.52 5.98
O10 H4B E . 13.06 -29.41 3.83
N 3AR F . 2.27 -28.36 -4.52
CA 3AR F . 1.63 -27.21 -5.10
C 3AR F . 0.24 -27.05 -4.52
O 3AR F . -0.45 -28.15 -4.16
CB 3AR F . 1.57 -27.36 -6.64
CG 3AR F . 2.93 -27.50 -7.39
CD 3AR F . 3.46 -28.94 -7.53
NE 3AR F . 2.50 -29.76 -8.23
CZ 3AR F . 2.72 -30.31 -9.43
NH1 3AR F . 3.09 -29.52 -10.46
NH2 3AR F . 2.55 -31.57 -9.59
C1 3AR F . 4.31 -29.68 -11.20
C2 3AR F . 4.31 -28.73 -12.42
C3 3AR F . 4.19 -27.25 -12.03
OXT 3AR F . -0.31 -25.84 -4.29
ZN ZN G . -14.47 38.24 -6.90
CHA HEM H . -11.09 29.14 10.01
CHB HEM H . -13.26 29.66 14.28
CHC HEM H . -9.04 30.59 16.26
CHD HEM H . -6.96 30.69 11.97
C1A HEM H . -12.04 29.06 11.02
C2A HEM H . -13.39 28.54 10.90
C3A HEM H . -14.03 28.80 12.05
C4A HEM H . -13.04 29.41 12.93
CMA HEM H . -15.49 28.53 12.36
CAA HEM H . -14.02 27.78 9.74
CBA HEM H . -13.37 26.42 9.53
CGA HEM H . -14.03 25.60 8.44
O1A HEM H . -13.54 24.49 8.15
O2A HEM H . -15.06 26.06 7.88
C1B HEM H . -12.32 30.09 15.21
C2B HEM H . -12.59 30.22 16.62
C3B HEM H . -11.40 30.49 17.22
C4B HEM H . -10.40 30.53 16.12
CMB HEM H . -13.94 30.04 17.32
CAB HEM H . -11.28 30.61 18.60
CBB HEM H . -10.25 31.12 19.36
C1C HEM H . -8.09 30.64 15.27
C2C HEM H . -6.64 30.67 15.50
C3C HEM H . -6.04 30.82 14.28
C4C HEM H . -7.13 30.79 13.32
CMC HEM H . -5.95 30.57 16.85
CAC HEM H . -4.69 30.99 13.96
CBC HEM H . -3.67 31.39 14.82
C1D HEM H . -7.93 30.38 11.06
C2D HEM H . -7.64 30.17 9.66
C3D HEM H . -8.78 29.70 9.11
C4D HEM H . -9.80 29.67 10.16
CMD HEM H . -6.30 30.34 8.94
CAD HEM H . -8.85 29.12 7.73
CBD HEM H . -9.00 27.62 7.77
CGD HEM H . -9.08 27.02 6.39
O1D HEM H . -9.38 25.82 6.27
O2D HEM H . -8.82 27.77 5.42
NA HEM H . -11.83 29.60 12.28
NB HEM H . -11.02 30.36 14.89
NC HEM H . -8.37 30.69 13.92
ND HEM H . -9.28 30.14 11.36
FE HEM H . -10.22 30.54 12.99
N1 H4B I . -17.60 28.05 4.73
C2 H4B I . -16.85 27.51 5.72
N2 H4B I . -16.67 28.11 6.90
N3 H4B I . -16.26 26.27 5.48
C4 H4B I . -16.38 25.54 4.26
O4 H4B I . -15.81 24.44 4.15
C4A H4B I . -17.17 26.18 3.28
C8A H4B I . -17.78 27.43 3.51
N5 H4B I . -17.34 25.49 2.00
N8 H4B I . -18.54 28.04 2.58
C6 H4B I . -17.62 26.47 0.88
C7 H4B I . -18.76 27.40 1.27
C9 H4B I . -17.80 25.63 -0.40
O9 H4B I . -18.79 24.63 -0.28
C10 H4B I . -18.16 26.53 -1.61
C11 H4B I . -18.30 25.75 -2.87
O10 H4B I . -17.12 27.52 -1.70
N 3AR J . -14.11 22.60 11.05
CA 3AR J . -13.09 21.55 10.96
C 3AR J . -13.68 20.28 11.52
O 3AR J . -14.63 20.33 12.47
CB 3AR J . -11.85 22.00 11.75
CG 3AR J . -11.17 23.30 11.26
CD 3AR J . -11.72 24.59 11.89
NE 3AR J . -11.57 24.56 13.32
CZ 3AR J . -11.51 25.68 14.05
NH1 3AR J . -10.33 26.00 14.63
NH2 3AR J . -12.53 26.43 14.22
C1 3AR J . -9.64 27.21 14.33
C2 3AR J . -8.16 26.98 14.67
C3 3AR J . -7.55 25.83 13.88
OXT 3AR J . -13.24 19.04 11.10
#